data_3TYQ
#
_entry.id   3TYQ
#
_cell.length_a   90.034
_cell.length_b   106.863
_cell.length_c   134.547
_cell.angle_alpha   90.00
_cell.angle_beta   90.00
_cell.angle_gamma   90.00
#
_symmetry.space_group_name_H-M   'P 21 21 21'
#
loop_
_entity.id
_entity.type
_entity.pdbx_description
1 polymer 'RNA-directed RNA polymerase'
2 non-polymer '5-ethyl-1-(2-fluoro-5-nitrobenzyl)-3-(2-oxo-1,2-dihydropyridin-3-yl)-1H-indole-2-carboxylic acid'
3 non-polymer 'PHOSPHATE ION'
4 water water
#
_entity_poly.entity_id   1
_entity_poly.type   'polypeptide(L)'
_entity_poly.pdbx_seq_one_letter_code
;SMSYTWTGALITPCAAEESKLPINPLSNSLLRHHNMVYATTSRSASLRQKKVTFDRLQVLDDHYRDVLKEMKAKASTVKA
KLLSIEEACKLTPPHSAKSKFGYGAKDVRNLSSRAVNHIRSVWEDLLEDTETPIDTTIMAKSEVFCVQPEKGGRKPARLI
VFPDLGVRVCEKMALYDVVSTLPQAVMGSSYGFQYSPKQRVEFLVNTWKSKKCPMGFSYDTRCFDSTVTESDIRVEESIY
QCCDLAPEARQAIRSLTERLYIGGPLTNSKGQNCGYRRCRASGVLTTSCGNTLTCYLKATAACRAAKLQDCTMLVNGDDL
VVICESAGTQEDAAALRAFTEAMTRYSAPPGDPPQPEYDLELITSCSSNVSVAHDASGKRVYYLTRDPTTPLARAAWETA
RHTPINSWLGNIIMYAPTLWARMILMTHFFSILLAQEQLGKALDCQIYGACYSIEPLDLPQIIERLHGLSAFTLHSYSPG
EINRVASCLRKLGVPPLRTWRHRARSVRAKLLSQGGRAAICGRYLFNWAVRTKLKLTPIPAASQLDLSGWFVAGYSGGDI
YHSLSRARPRENLYFQ
;
_entity_poly.pdbx_strand_id   A,B
#
loop_
_chem_comp.id
_chem_comp.type
_chem_comp.name
_chem_comp.formula
HI4 non-polymer '5-ethyl-1-(2-fluoro-5-nitrobenzyl)-3-(2-oxo-1,2-dihydropyridin-3-yl)-1H-indole-2-carboxylic acid' 'C23 H18 F N3 O5'
PO4 non-polymer 'PHOSPHATE ION' 'O4 P -3'
#
# COMPACT_ATOMS: atom_id res chain seq x y z
N SER A 1 -17.94 18.55 7.32
CA SER A 1 -18.38 19.32 6.15
C SER A 1 -19.76 18.86 5.70
N MET A 2 -20.42 19.70 4.94
CA MET A 2 -21.75 19.37 4.45
C MET A 2 -21.65 18.31 3.35
N SER A 3 -22.49 17.30 3.43
CA SER A 3 -22.50 16.30 2.35
C SER A 3 -22.74 16.94 0.97
N TYR A 4 -23.62 17.94 0.89
CA TYR A 4 -23.90 18.65 -0.35
C TYR A 4 -24.12 20.13 -0.01
N THR A 5 -23.83 20.97 -1.00
CA THR A 5 -24.22 22.36 -1.04
C THR A 5 -24.97 22.53 -2.35
N TRP A 6 -25.90 23.48 -2.39
CA TRP A 6 -26.74 23.64 -3.57
C TRP A 6 -26.77 25.09 -4.05
N THR A 7 -26.84 25.31 -5.35
CA THR A 7 -26.86 26.71 -5.88
C THR A 7 -28.29 27.24 -5.97
N GLY A 8 -29.25 26.33 -6.06
CA GLY A 8 -30.65 26.69 -6.30
C GLY A 8 -31.14 26.20 -7.66
N ALA A 9 -30.23 25.85 -8.59
CA ALA A 9 -30.66 25.34 -9.87
C ALA A 9 -31.35 24.02 -9.55
N LEU A 10 -32.37 23.67 -10.32
CA LEU A 10 -33.11 22.45 -10.04
C LEU A 10 -32.43 21.19 -10.58
N ILE A 11 -32.77 20.05 -9.99
CA ILE A 11 -32.42 18.76 -10.54
C ILE A 11 -33.51 18.52 -11.63
N THR A 12 -33.08 18.49 -12.88
CA THR A 12 -33.98 18.45 -14.03
C THR A 12 -34.03 17.10 -14.73
N PRO A 13 -35.15 16.82 -15.44
CA PRO A 13 -35.25 15.58 -16.21
C PRO A 13 -34.68 15.82 -17.60
N CYS A 14 -34.34 14.76 -18.32
CA CYS A 14 -33.84 14.92 -19.68
C CYS A 14 -34.95 14.70 -20.70
N ALA A 15 -36.10 14.22 -20.21
CA ALA A 15 -37.26 13.95 -21.04
C ALA A 15 -38.50 13.84 -20.15
N ALA A 16 -39.66 13.67 -20.77
CA ALA A 16 -40.90 13.54 -20.01
C ALA A 16 -40.75 12.36 -19.03
N GLU A 17 -41.30 12.50 -17.83
CA GLU A 17 -41.20 11.41 -16.83
C GLU A 17 -42.58 10.82 -16.52
N GLU A 18 -42.68 9.51 -16.53
CA GLU A 18 -43.92 8.82 -16.25
C GLU A 18 -43.94 8.40 -14.78
N SER A 19 -45.02 8.72 -14.07
CA SER A 19 -45.08 8.37 -12.66
C SER A 19 -46.18 7.34 -12.32
N LYS A 20 -47.11 7.13 -13.26
CA LYS A 20 -48.25 6.24 -13.01
C LYS A 20 -48.15 4.96 -13.83
N LEU A 21 -48.52 3.83 -13.22
CA LEU A 21 -48.54 2.55 -13.97
C LEU A 21 -49.59 2.68 -15.07
N PRO A 22 -49.23 2.35 -16.32
CA PRO A 22 -50.28 2.45 -17.35
C PRO A 22 -51.39 1.44 -17.09
N ILE A 23 -52.56 1.68 -17.69
CA ILE A 23 -53.69 0.75 -17.60
C ILE A 23 -53.59 -0.07 -18.89
N ASN A 24 -53.07 -1.29 -18.76
CA ASN A 24 -52.69 -2.11 -19.90
C ASN A 24 -53.17 -3.54 -19.64
N PRO A 25 -53.75 -4.21 -20.66
CA PRO A 25 -54.32 -5.54 -20.33
C PRO A 25 -53.36 -6.58 -19.81
N LEU A 26 -52.13 -6.55 -20.31
CA LEU A 26 -51.12 -7.54 -19.87
C LEU A 26 -50.69 -7.26 -18.44
N SER A 27 -50.40 -6.00 -18.11
CA SER A 27 -50.06 -5.73 -16.72
C SER A 27 -51.24 -5.94 -15.77
N ASN A 28 -52.45 -5.63 -16.25
CA ASN A 28 -53.67 -5.79 -15.44
C ASN A 28 -53.97 -7.27 -15.15
N SER A 29 -53.47 -8.17 -16.00
CA SER A 29 -53.62 -9.63 -15.75
C SER A 29 -52.77 -10.06 -14.55
N LEU A 30 -51.72 -9.27 -14.26
CA LEU A 30 -50.85 -9.54 -13.11
C LEU A 30 -51.30 -8.80 -11.84
N LEU A 31 -51.65 -7.53 -12.00
CA LEU A 31 -51.92 -6.68 -10.87
C LEU A 31 -53.02 -5.68 -11.26
N ARG A 32 -54.13 -5.72 -10.54
CA ARG A 32 -55.29 -4.86 -10.89
C ARG A 32 -55.29 -3.49 -10.19
N HIS A 33 -54.63 -3.36 -9.04
CA HIS A 33 -54.62 -2.06 -8.32
C HIS A 33 -53.51 -1.17 -8.85
N HIS A 34 -53.66 -0.75 -10.10
CA HIS A 34 -52.65 0.00 -10.82
C HIS A 34 -52.34 1.34 -10.11
N ASN A 35 -53.32 1.92 -9.42
CA ASN A 35 -53.06 3.20 -8.75
C ASN A 35 -52.13 3.10 -7.56
N MET A 36 -51.85 1.88 -7.10
CA MET A 36 -50.97 1.72 -5.98
C MET A 36 -49.52 1.69 -6.44
N VAL A 37 -49.30 1.59 -7.74
CA VAL A 37 -47.94 1.47 -8.27
C VAL A 37 -47.49 2.77 -8.89
N TYR A 38 -46.31 3.24 -8.50
CA TYR A 38 -45.85 4.52 -9.04
C TYR A 38 -44.37 4.45 -9.33
N ALA A 39 -43.87 5.41 -10.10
CA ALA A 39 -42.41 5.54 -10.33
C ALA A 39 -41.99 6.91 -9.82
N THR A 40 -40.84 6.94 -9.17
CA THR A 40 -40.30 8.22 -8.72
C THR A 40 -39.87 9.06 -9.93
N THR A 41 -39.87 10.41 -9.77
CA THR A 41 -39.47 11.32 -10.84
C THR A 41 -38.73 12.49 -10.21
N SER A 42 -38.23 13.36 -11.08
CA SER A 42 -37.56 14.58 -10.62
C SER A 42 -38.46 15.49 -9.79
N ARG A 43 -39.77 15.30 -9.89
CA ARG A 43 -40.67 16.16 -9.10
C ARG A 43 -40.49 16.07 -7.60
N SER A 44 -39.92 14.98 -7.10
CA SER A 44 -39.71 14.83 -5.66
C SER A 44 -38.22 15.02 -5.29
N ALA A 45 -37.39 15.43 -6.26
CA ALA A 45 -35.95 15.57 -6.01
C ALA A 45 -35.64 16.50 -4.84
N SER A 46 -36.39 17.60 -4.73
CA SER A 46 -36.14 18.53 -3.62
C SER A 46 -36.34 17.91 -2.25
N LEU A 47 -37.29 16.98 -2.12
CA LEU A 47 -37.50 16.31 -0.85
C LEU A 47 -36.28 15.44 -0.53
N ARG A 48 -35.76 14.76 -1.56
CA ARG A 48 -34.59 13.90 -1.35
C ARG A 48 -33.39 14.77 -0.99
N GLN A 49 -33.21 15.87 -1.72
CA GLN A 49 -32.08 16.80 -1.46
C GLN A 49 -32.06 17.19 0.02
N LYS A 50 -33.21 17.50 0.60
CA LYS A 50 -33.24 17.86 2.00
C LYS A 50 -32.75 16.71 2.88
N LYS A 51 -33.21 15.50 2.59
CA LYS A 51 -32.85 14.38 3.43
C LYS A 51 -31.36 14.07 3.40
N VAL A 52 -30.75 14.21 2.22
CA VAL A 52 -29.35 13.79 2.02
C VAL A 52 -28.32 14.85 2.35
N THR A 53 -28.79 16.04 2.70
CA THR A 53 -27.90 17.17 2.98
C THR A 53 -27.75 17.42 4.45
N PHE A 54 -26.56 17.16 4.99
CA PHE A 54 -26.33 17.37 6.42
C PHE A 54 -24.83 17.43 6.71
N ASP A 55 -24.47 17.97 7.87
CA ASP A 55 -23.07 18.03 8.25
C ASP A 55 -22.64 16.69 8.83
N ARG A 56 -21.40 16.29 8.55
CA ARG A 56 -20.88 15.07 9.16
C ARG A 56 -19.86 15.46 10.22
N LEU A 57 -19.92 14.79 11.37
CA LEU A 57 -18.96 15.05 12.47
C LEU A 57 -18.28 13.78 12.96
N GLN A 58 -17.31 13.30 12.19
CA GLN A 58 -16.67 12.02 12.43
C GLN A 58 -15.52 12.07 13.41
N VAL A 59 -15.48 11.07 14.29
CA VAL A 59 -14.41 10.90 15.25
C VAL A 59 -13.92 9.48 15.13
N LEU A 60 -12.62 9.32 14.87
CA LEU A 60 -12.01 8.02 14.77
C LEU A 60 -11.22 7.69 16.03
N ASP A 61 -11.09 6.40 16.31
CA ASP A 61 -10.42 5.96 17.54
C ASP A 61 -9.48 4.80 17.31
N ASP A 62 -8.90 4.28 18.37
CA ASP A 62 -7.93 3.21 18.20
C ASP A 62 -8.52 1.95 17.55
N HIS A 63 -9.74 1.55 17.92
CA HIS A 63 -10.32 0.35 17.31
C HIS A 63 -10.40 0.55 15.79
N TYR A 64 -10.79 1.74 15.34
CA TYR A 64 -10.89 2.00 13.90
C TYR A 64 -9.52 1.93 13.23
N ARG A 65 -8.52 2.54 13.85
CA ARG A 65 -7.17 2.48 13.30
C ARG A 65 -6.60 1.05 13.28
N ASP A 66 -6.87 0.27 14.35
CA ASP A 66 -6.43 -1.12 14.41
C ASP A 66 -7.05 -1.95 13.28
N VAL A 67 -8.36 -1.84 13.09
CA VAL A 67 -9.02 -2.61 12.05
C VAL A 67 -8.48 -2.19 10.68
N LEU A 68 -8.30 -0.88 10.46
CA LEU A 68 -7.80 -0.40 9.18
C LEU A 68 -6.44 -1.04 8.88
N LYS A 69 -5.53 -1.04 9.86
CA LYS A 69 -4.23 -1.66 9.61
C LYS A 69 -4.37 -3.16 9.27
N GLU A 70 -5.29 -3.87 9.91
CA GLU A 70 -5.51 -5.28 9.58
C GLU A 70 -5.99 -5.42 8.14
N MET A 71 -6.88 -4.52 7.73
CA MET A 71 -7.42 -4.57 6.36
C MET A 71 -6.31 -4.28 5.35
N LYS A 72 -5.47 -3.27 5.64
CA LYS A 72 -4.38 -2.92 4.74
C LYS A 72 -3.37 -4.07 4.62
N ALA A 73 -3.10 -4.78 5.71
CA ALA A 73 -2.18 -5.91 5.63
C ALA A 73 -2.70 -6.97 4.64
N LYS A 74 -4.01 -7.19 4.62
CA LYS A 74 -4.56 -8.16 3.66
C LYS A 74 -4.55 -7.57 2.26
N ALA A 75 -4.84 -6.27 2.12
CA ALA A 75 -4.82 -5.67 0.78
C ALA A 75 -3.43 -5.73 0.17
N SER A 76 -2.41 -5.73 1.03
N SER A 76 -2.40 -5.71 1.01
CA SER A 76 -1.00 -5.76 0.59
CA SER A 76 -1.02 -5.74 0.52
C SER A 76 -0.63 -7.05 -0.19
C SER A 76 -0.64 -7.05 -0.22
N THR A 77 -1.53 -8.04 -0.18
CA THR A 77 -1.29 -9.29 -0.91
C THR A 77 -1.77 -9.24 -2.33
N VAL A 78 -2.46 -8.16 -2.69
CA VAL A 78 -3.09 -8.09 -4.00
C VAL A 78 -2.16 -7.51 -5.07
N LYS A 79 -2.25 -8.07 -6.28
CA LYS A 79 -1.57 -7.51 -7.46
C LYS A 79 -2.68 -7.29 -8.48
N ALA A 80 -2.88 -6.04 -8.83
CA ALA A 80 -3.97 -5.64 -9.72
C ALA A 80 -3.43 -5.22 -11.08
N LYS A 81 -4.18 -5.57 -12.10
CA LYS A 81 -3.79 -5.30 -13.48
C LYS A 81 -4.46 -4.06 -14.02
N LEU A 82 -3.77 -3.34 -14.90
CA LEU A 82 -4.35 -2.20 -15.57
C LEU A 82 -5.09 -2.87 -16.76
N LEU A 83 -6.33 -2.48 -17.05
CA LEU A 83 -7.03 -3.01 -18.23
C LEU A 83 -6.63 -2.16 -19.45
N SER A 84 -6.57 -2.77 -20.63
CA SER A 84 -6.34 -1.99 -21.82
C SER A 84 -7.62 -1.23 -22.15
N ILE A 85 -7.52 -0.26 -23.05
CA ILE A 85 -8.70 0.48 -23.49
C ILE A 85 -9.71 -0.51 -24.06
N GLU A 86 -9.28 -1.45 -24.91
CA GLU A 86 -10.20 -2.46 -25.46
C GLU A 86 -10.98 -3.24 -24.38
N GLU A 87 -10.27 -3.72 -23.37
CA GLU A 87 -10.91 -4.49 -22.31
C GLU A 87 -11.95 -3.62 -21.62
N ALA A 88 -11.57 -2.38 -21.36
CA ALA A 88 -12.50 -1.50 -20.63
C ALA A 88 -13.71 -1.12 -21.48
N CYS A 89 -13.51 -0.98 -22.80
CA CYS A 89 -14.62 -0.63 -23.69
C CYS A 89 -15.63 -1.79 -23.70
N LYS A 90 -15.13 -3.01 -23.65
CA LYS A 90 -15.99 -4.21 -23.69
C LYS A 90 -16.86 -4.37 -22.43
N LEU A 91 -16.44 -3.72 -21.33
CA LEU A 91 -17.23 -3.78 -20.09
C LEU A 91 -18.31 -2.70 -20.07
N THR A 92 -18.38 -1.86 -21.11
CA THR A 92 -19.38 -0.81 -21.16
C THR A 92 -20.76 -1.31 -21.64
N PRO A 93 -21.81 -1.08 -20.85
CA PRO A 93 -23.12 -1.53 -21.32
C PRO A 93 -23.49 -0.84 -22.64
N PRO A 94 -24.13 -1.58 -23.56
CA PRO A 94 -24.53 -0.99 -24.84
C PRO A 94 -25.42 0.28 -24.71
N HIS A 95 -26.19 0.39 -23.62
CA HIS A 95 -27.05 1.55 -23.45
C HIS A 95 -26.56 2.56 -22.42
N SER A 96 -25.27 2.48 -22.08
CA SER A 96 -24.69 3.40 -21.12
C SER A 96 -24.92 4.83 -21.63
N ALA A 97 -25.04 5.81 -20.73
CA ALA A 97 -25.25 7.20 -21.16
C ALA A 97 -24.14 7.69 -22.10
N LYS A 98 -24.53 8.29 -23.23
CA LYS A 98 -23.55 8.80 -24.18
C LYS A 98 -22.63 9.87 -23.58
N SER A 99 -21.51 10.09 -24.25
CA SER A 99 -20.56 11.13 -23.80
C SER A 99 -21.05 12.48 -24.29
N LYS A 100 -20.63 13.55 -23.63
CA LYS A 100 -20.94 14.87 -24.15
C LYS A 100 -19.93 15.24 -25.24
N PHE A 101 -18.93 14.36 -25.43
CA PHE A 101 -17.84 14.59 -26.36
C PHE A 101 -17.97 13.89 -27.71
N GLY A 102 -19.21 13.73 -28.14
CA GLY A 102 -19.51 13.34 -29.52
C GLY A 102 -19.57 11.89 -29.88
N TYR A 103 -19.75 11.01 -28.90
CA TYR A 103 -19.84 9.58 -29.17
C TYR A 103 -20.65 8.94 -28.04
N GLY A 104 -21.10 7.72 -28.28
CA GLY A 104 -21.90 6.99 -27.30
C GLY A 104 -21.38 5.59 -27.00
N ALA A 105 -22.14 4.85 -26.21
CA ALA A 105 -21.73 3.54 -25.77
C ALA A 105 -21.51 2.53 -26.92
N LYS A 106 -22.29 2.65 -27.98
CA LYS A 106 -22.12 1.75 -29.11
C LYS A 106 -20.77 2.03 -29.79
N ASP A 107 -20.39 3.31 -29.82
CA ASP A 107 -19.10 3.71 -30.39
C ASP A 107 -17.96 3.19 -29.50
N VAL A 108 -18.11 3.28 -28.18
CA VAL A 108 -17.12 2.72 -27.28
C VAL A 108 -16.97 1.21 -27.53
N ARG A 109 -18.09 0.49 -27.59
CA ARG A 109 -18.02 -0.97 -27.79
C ARG A 109 -17.40 -1.37 -29.14
N ASN A 110 -17.63 -0.54 -30.13
CA ASN A 110 -17.07 -0.77 -31.48
C ASN A 110 -15.66 -0.24 -31.62
N LEU A 111 -15.09 0.30 -30.52
CA LEU A 111 -13.74 0.87 -30.58
C LEU A 111 -13.59 1.93 -31.68
N SER A 112 -14.62 2.75 -31.83
CA SER A 112 -14.58 3.81 -32.83
C SER A 112 -13.40 4.74 -32.59
N SER A 113 -12.80 5.23 -33.67
CA SER A 113 -11.68 6.14 -33.47
C SER A 113 -11.96 7.35 -32.56
N ARG A 114 -13.09 8.02 -32.75
CA ARG A 114 -13.40 9.20 -31.94
C ARG A 114 -13.49 8.80 -30.44
N ALA A 115 -14.14 7.67 -30.18
CA ALA A 115 -14.31 7.22 -28.78
C ALA A 115 -12.93 6.88 -28.17
N VAL A 116 -12.19 6.04 -28.84
CA VAL A 116 -10.87 5.60 -28.32
C VAL A 116 -9.95 6.81 -28.15
N ASN A 117 -9.89 7.69 -29.16
CA ASN A 117 -9.03 8.88 -29.04
C ASN A 117 -9.46 9.72 -27.83
N HIS A 118 -10.77 9.85 -27.62
CA HIS A 118 -11.19 10.67 -26.50
C HIS A 118 -10.83 10.00 -25.17
N ILE A 119 -11.11 8.72 -25.06
CA ILE A 119 -10.80 7.99 -23.85
C ILE A 119 -9.29 8.10 -23.55
N ARG A 120 -8.45 7.96 -24.58
CA ARG A 120 -7.03 8.11 -24.35
C ARG A 120 -6.68 9.50 -23.83
N SER A 121 -7.31 10.55 -24.37
CA SER A 121 -7.09 11.90 -23.86
C SER A 121 -7.51 12.08 -22.39
N VAL A 122 -8.60 11.43 -22.01
CA VAL A 122 -9.07 11.52 -20.62
C VAL A 122 -8.08 10.80 -19.72
N TRP A 123 -7.55 9.67 -20.18
CA TRP A 123 -6.56 8.91 -19.40
C TRP A 123 -5.29 9.78 -19.18
N GLU A 124 -4.76 10.34 -20.27
CA GLU A 124 -3.59 11.18 -20.15
C GLU A 124 -3.83 12.34 -19.20
N ASP A 125 -5.04 12.90 -19.25
CA ASP A 125 -5.39 14.01 -18.37
C ASP A 125 -5.41 13.57 -16.89
N LEU A 126 -5.85 12.33 -16.61
CA LEU A 126 -5.82 11.85 -15.21
C LEU A 126 -4.37 11.73 -14.76
N LEU A 127 -3.48 11.34 -15.68
CA LEU A 127 -2.08 11.14 -15.30
C LEU A 127 -1.40 12.46 -15.04
N GLU A 128 -1.77 13.49 -15.79
CA GLU A 128 -1.09 14.78 -15.70
C GLU A 128 -1.62 15.74 -14.69
N ASP A 129 -2.95 15.70 -14.48
CA ASP A 129 -3.64 16.67 -13.63
C ASP A 129 -4.19 15.98 -12.40
N THR A 130 -3.65 16.36 -11.24
CA THR A 130 -3.99 15.69 -10.00
C THR A 130 -5.07 16.42 -9.22
N GLU A 131 -5.56 17.56 -9.72
CA GLU A 131 -6.42 18.42 -8.90
C GLU A 131 -7.75 18.84 -9.46
N THR A 132 -7.82 19.12 -10.77
CA THR A 132 -9.04 19.77 -11.33
C THR A 132 -10.28 18.92 -11.03
N PRO A 133 -11.30 19.48 -10.34
CA PRO A 133 -12.46 18.60 -10.13
C PRO A 133 -13.09 18.16 -11.45
N ILE A 134 -13.52 16.91 -11.47
CA ILE A 134 -14.17 16.34 -12.65
C ILE A 134 -15.67 16.59 -12.58
N ASP A 135 -16.25 17.04 -13.69
CA ASP A 135 -17.68 17.32 -13.69
C ASP A 135 -18.47 16.03 -13.46
N THR A 136 -19.67 16.18 -12.87
CA THR A 136 -20.60 15.06 -12.77
C THR A 136 -21.98 15.59 -13.06
N THR A 137 -22.84 14.71 -13.54
CA THR A 137 -24.24 15.04 -13.74
C THR A 137 -25.00 14.44 -12.57
N ILE A 138 -25.99 15.18 -12.08
CA ILE A 138 -26.91 14.69 -11.06
C ILE A 138 -28.31 14.57 -11.69
N MET A 139 -28.92 13.40 -11.49
CA MET A 139 -30.25 13.12 -12.02
C MET A 139 -31.12 12.50 -10.93
N ALA A 140 -32.44 12.62 -11.06
CA ALA A 140 -33.35 11.87 -10.18
C ALA A 140 -33.52 10.50 -10.81
N LYS A 141 -33.45 9.45 -9.98
CA LYS A 141 -33.58 8.07 -10.44
C LYS A 141 -35.06 7.74 -10.59
N SER A 142 -35.38 6.94 -11.60
CA SER A 142 -36.77 6.51 -11.81
C SER A 142 -36.84 5.07 -11.29
N GLU A 143 -37.52 4.84 -10.17
CA GLU A 143 -37.68 3.49 -9.60
C GLU A 143 -39.15 3.31 -9.26
N VAL A 144 -39.63 2.08 -9.39
CA VAL A 144 -41.04 1.75 -9.17
C VAL A 144 -41.25 1.15 -7.79
N PHE A 145 -42.32 1.56 -7.12
CA PHE A 145 -42.69 1.04 -5.80
C PHE A 145 -44.21 0.92 -5.68
N CYS A 146 -44.65 0.30 -4.60
CA CYS A 146 -46.08 0.26 -4.24
C CYS A 146 -46.25 1.28 -3.12
N VAL A 147 -47.36 2.02 -3.14
CA VAL A 147 -47.64 3.00 -2.07
C VAL A 147 -47.61 2.36 -0.68
N GLN A 148 -47.21 3.15 0.31
CA GLN A 148 -47.12 2.71 1.71
C GLN A 148 -46.48 1.33 1.85
N ARG A 154 -45.37 8.39 -0.34
CA ARG A 154 -44.47 8.00 -1.43
C ARG A 154 -43.02 8.30 -1.08
N LYS A 155 -42.13 7.51 -1.65
CA LYS A 155 -40.71 7.70 -1.43
C LYS A 155 -40.29 8.72 -2.45
N PRO A 156 -39.43 9.67 -2.04
CA PRO A 156 -38.95 10.62 -3.05
C PRO A 156 -37.85 9.92 -3.87
N ALA A 157 -37.58 10.45 -5.06
CA ALA A 157 -36.56 9.87 -5.94
C ALA A 157 -35.20 9.84 -5.29
N ARG A 158 -34.43 8.80 -5.56
CA ARG A 158 -33.03 8.78 -5.15
C ARG A 158 -32.29 9.62 -6.19
N LEU A 159 -31.12 10.13 -5.81
CA LEU A 159 -30.34 10.97 -6.72
C LEU A 159 -29.11 10.18 -7.17
N ILE A 160 -28.84 10.21 -8.47
CA ILE A 160 -27.65 9.51 -8.98
C ILE A 160 -26.67 10.56 -9.49
N VAL A 161 -25.38 10.34 -9.21
CA VAL A 161 -24.33 11.28 -9.61
C VAL A 161 -23.28 10.47 -10.37
N PHE A 162 -22.93 10.92 -11.58
CA PHE A 162 -21.97 10.16 -12.40
C PHE A 162 -21.19 11.04 -13.34
N PRO A 163 -19.95 10.65 -13.63
CA PRO A 163 -19.13 11.46 -14.57
C PRO A 163 -19.37 11.00 -16.02
N ASP A 164 -18.76 11.72 -16.98
CA ASP A 164 -18.90 11.40 -18.39
C ASP A 164 -18.41 10.00 -18.76
N LEU A 165 -18.94 9.48 -19.88
CA LEU A 165 -18.59 8.17 -20.38
C LEU A 165 -17.07 7.96 -20.53
N GLY A 166 -16.35 8.96 -21.03
CA GLY A 166 -14.91 8.81 -21.20
C GLY A 166 -14.22 8.53 -19.85
N VAL A 167 -14.61 9.29 -18.82
CA VAL A 167 -14.08 9.06 -17.47
C VAL A 167 -14.43 7.65 -16.98
N ARG A 168 -15.68 7.23 -17.20
CA ARG A 168 -16.10 5.90 -16.74
C ARG A 168 -15.23 4.80 -17.37
N VAL A 169 -14.87 4.93 -18.64
CA VAL A 169 -14.01 3.92 -19.24
C VAL A 169 -12.61 3.94 -18.60
N CYS A 170 -12.12 5.13 -18.27
CA CYS A 170 -10.85 5.27 -17.58
C CYS A 170 -10.90 4.65 -16.18
N GLU A 171 -12.02 4.83 -15.46
CA GLU A 171 -12.12 4.21 -14.15
C GLU A 171 -11.93 2.70 -14.29
N LYS A 172 -12.55 2.09 -15.32
CA LYS A 172 -12.40 0.64 -15.50
C LYS A 172 -10.91 0.29 -15.71
N MET A 173 -10.25 1.02 -16.58
CA MET A 173 -8.83 0.74 -16.82
C MET A 173 -8.01 0.74 -15.54
N ALA A 174 -8.21 1.76 -14.71
CA ALA A 174 -7.39 1.83 -13.49
C ALA A 174 -7.83 0.89 -12.36
N LEU A 175 -9.14 0.69 -12.23
CA LEU A 175 -9.68 0.09 -11.03
C LEU A 175 -10.58 -1.13 -11.17
N TYR A 176 -10.92 -1.55 -12.38
CA TYR A 176 -11.83 -2.70 -12.47
C TYR A 176 -11.24 -3.93 -11.81
N ASP A 177 -9.95 -4.19 -12.02
CA ASP A 177 -9.36 -5.37 -11.39
C ASP A 177 -9.26 -5.21 -9.88
N VAL A 178 -8.96 -4.00 -9.43
CA VAL A 178 -8.88 -3.72 -7.99
C VAL A 178 -10.23 -3.97 -7.33
N VAL A 179 -11.29 -3.34 -7.83
CA VAL A 179 -12.59 -3.54 -7.17
C VAL A 179 -13.19 -4.95 -7.33
N SER A 180 -12.63 -5.73 -8.26
CA SER A 180 -13.08 -7.10 -8.47
C SER A 180 -12.36 -8.08 -7.58
N THR A 181 -11.14 -7.76 -7.20
CA THR A 181 -10.34 -8.73 -6.45
C THR A 181 -10.03 -8.33 -5.02
N LEU A 182 -9.87 -7.05 -4.78
CA LEU A 182 -9.47 -6.60 -3.46
C LEU A 182 -10.49 -6.85 -2.35
N PRO A 183 -11.80 -6.66 -2.61
CA PRO A 183 -12.74 -6.84 -1.47
C PRO A 183 -12.69 -8.22 -0.83
N GLN A 184 -12.65 -9.28 -1.64
CA GLN A 184 -12.57 -10.62 -1.05
C GLN A 184 -11.24 -10.84 -0.34
N ALA A 185 -10.16 -10.28 -0.90
CA ALA A 185 -8.88 -10.46 -0.23
C ALA A 185 -8.87 -9.83 1.15
N VAL A 186 -9.53 -8.68 1.28
CA VAL A 186 -9.52 -7.96 2.52
C VAL A 186 -10.52 -8.48 3.53
N MET A 187 -11.73 -8.76 3.05
CA MET A 187 -12.84 -9.10 3.97
C MET A 187 -13.18 -10.58 4.09
N GLY A 188 -12.56 -11.39 3.24
CA GLY A 188 -12.75 -12.82 3.32
C GLY A 188 -14.20 -13.23 3.20
N SER A 189 -14.59 -14.14 4.09
CA SER A 189 -15.94 -14.69 4.02
C SER A 189 -17.04 -13.68 4.30
N SER A 190 -16.71 -12.51 4.85
CA SER A 190 -17.73 -11.53 5.11
C SER A 190 -18.15 -10.79 3.86
N TYR A 191 -17.37 -10.90 2.76
CA TYR A 191 -17.69 -10.11 1.56
C TYR A 191 -18.88 -10.75 0.84
N GLY A 192 -20.04 -10.10 0.88
CA GLY A 192 -21.23 -10.77 0.40
C GLY A 192 -21.31 -11.11 -1.09
N PHE A 193 -20.62 -10.32 -1.91
CA PHE A 193 -20.77 -10.48 -3.35
C PHE A 193 -20.07 -11.70 -3.94
N GLN A 194 -19.36 -12.47 -3.11
CA GLN A 194 -18.69 -13.65 -3.64
C GLN A 194 -19.62 -14.85 -3.69
N TYR A 195 -20.83 -14.70 -3.19
CA TYR A 195 -21.74 -15.86 -3.02
C TYR A 195 -22.89 -15.89 -4.01
N SER A 196 -23.14 -17.08 -4.59
CA SER A 196 -24.37 -17.26 -5.36
C SER A 196 -25.49 -17.36 -4.32
N PRO A 197 -26.75 -17.42 -4.78
CA PRO A 197 -27.82 -17.50 -3.78
C PRO A 197 -27.67 -18.71 -2.84
N LYS A 198 -27.45 -19.92 -3.38
CA LYS A 198 -27.36 -21.10 -2.49
C LYS A 198 -26.15 -20.96 -1.55
N GLN A 199 -25.09 -20.32 -2.03
CA GLN A 199 -23.92 -20.11 -1.17
C GLN A 199 -24.19 -19.09 -0.09
N ARG A 200 -24.97 -18.05 -0.40
CA ARG A 200 -25.31 -17.05 0.63
C ARG A 200 -26.17 -17.70 1.71
N VAL A 201 -27.17 -18.50 1.30
N VAL A 201 -27.16 -18.50 1.30
CA VAL A 201 -28.00 -19.20 2.30
CA VAL A 201 -28.00 -19.19 2.28
C VAL A 201 -27.10 -20.09 3.16
C VAL A 201 -27.12 -20.10 3.16
N GLU A 202 -26.23 -20.85 2.52
CA GLU A 202 -25.32 -21.74 3.25
C GLU A 202 -24.46 -20.95 4.26
N PHE A 203 -23.91 -19.83 3.83
CA PHE A 203 -23.08 -19.04 4.76
C PHE A 203 -23.91 -18.56 5.95
N LEU A 204 -25.12 -18.05 5.70
CA LEU A 204 -25.93 -17.56 6.79
C LEU A 204 -26.31 -18.68 7.78
N VAL A 205 -26.75 -19.82 7.23
CA VAL A 205 -27.23 -20.92 8.08
C VAL A 205 -26.07 -21.52 8.88
N ASN A 206 -24.95 -21.77 8.20
CA ASN A 206 -23.76 -22.33 8.88
C ASN A 206 -23.23 -21.33 9.91
N THR A 207 -23.21 -20.04 9.57
CA THR A 207 -22.71 -19.05 10.53
C THR A 207 -23.61 -19.06 11.77
N TRP A 208 -24.91 -19.03 11.55
CA TRP A 208 -25.85 -19.04 12.66
C TRP A 208 -25.64 -20.27 13.56
N LYS A 209 -25.61 -21.44 12.94
CA LYS A 209 -25.50 -22.70 13.69
C LYS A 209 -24.13 -22.85 14.35
N SER A 210 -23.12 -22.13 13.88
CA SER A 210 -21.76 -22.22 14.44
C SER A 210 -21.63 -21.62 15.83
N LYS A 211 -22.55 -20.74 16.20
CA LYS A 211 -22.50 -20.09 17.51
C LYS A 211 -23.12 -21.02 18.57
N LYS A 212 -22.61 -20.93 19.79
CA LYS A 212 -23.20 -21.71 20.88
C LYS A 212 -24.60 -21.19 21.20
N CYS A 213 -24.74 -19.86 21.26
CA CYS A 213 -26.03 -19.22 21.54
C CYS A 213 -26.09 -17.99 20.64
N PRO A 214 -26.57 -18.16 19.40
CA PRO A 214 -26.46 -16.99 18.49
C PRO A 214 -27.40 -15.83 18.75
N MET A 215 -26.92 -14.65 18.37
CA MET A 215 -27.75 -13.45 18.35
C MET A 215 -27.28 -12.76 17.06
N GLY A 216 -28.22 -12.16 16.35
CA GLY A 216 -27.83 -11.46 15.13
C GLY A 216 -28.64 -10.20 14.99
N PHE A 217 -28.16 -9.30 14.13
CA PHE A 217 -28.90 -8.11 13.87
C PHE A 217 -28.48 -7.49 12.53
N SER A 218 -29.41 -6.77 11.90
CA SER A 218 -29.11 -5.97 10.71
C SER A 218 -28.89 -4.54 11.19
N TYR A 219 -28.00 -3.83 10.52
CA TYR A 219 -27.79 -2.44 10.89
C TYR A 219 -28.02 -1.58 9.67
N ASP A 220 -29.02 -0.70 9.75
CA ASP A 220 -29.43 0.16 8.67
C ASP A 220 -28.83 1.55 8.91
N THR A 221 -27.91 1.96 8.04
CA THR A 221 -27.30 3.30 8.19
C THR A 221 -28.21 4.25 7.42
N ARG A 222 -28.53 5.39 8.01
CA ARG A 222 -29.35 6.31 7.26
C ARG A 222 -28.53 7.05 6.18
N CYS A 223 -29.05 7.05 4.96
CA CYS A 223 -28.44 7.75 3.80
C CYS A 223 -26.95 7.48 3.73
N PHE A 224 -26.57 6.19 3.70
CA PHE A 224 -25.16 5.83 3.75
C PHE A 224 -24.23 6.67 2.87
N ASP A 225 -24.59 6.87 1.62
CA ASP A 225 -23.66 7.59 0.71
C ASP A 225 -23.35 8.98 1.30
N SER A 226 -24.35 9.63 1.87
CA SER A 226 -24.12 10.98 2.44
C SER A 226 -23.26 10.96 3.66
N THR A 227 -23.25 9.83 4.41
CA THR A 227 -22.45 9.72 5.59
C THR A 227 -20.95 9.50 5.32
N VAL A 228 -20.64 9.08 4.09
CA VAL A 228 -19.24 8.83 3.73
C VAL A 228 -18.48 10.15 3.62
N THR A 229 -17.42 10.27 4.40
CA THR A 229 -16.66 11.52 4.49
C THR A 229 -15.46 11.54 3.53
N GLU A 230 -14.84 12.72 3.40
CA GLU A 230 -13.62 12.84 2.57
C GLU A 230 -12.55 11.94 3.19
N SER A 231 -12.48 11.89 4.51
CA SER A 231 -11.55 11.01 5.19
C SER A 231 -11.81 9.54 4.80
N ASP A 232 -13.08 9.13 4.86
CA ASP A 232 -13.39 7.75 4.49
C ASP A 232 -12.89 7.41 3.05
N ILE A 233 -13.05 8.34 2.11
CA ILE A 233 -12.69 8.09 0.71
C ILE A 233 -11.18 8.06 0.53
N ARG A 234 -10.45 8.83 1.34
CA ARG A 234 -8.98 8.76 1.32
C ARG A 234 -8.47 7.48 2.03
N VAL A 235 -9.19 7.03 3.06
CA VAL A 235 -8.85 5.79 3.76
C VAL A 235 -9.07 4.62 2.79
N GLU A 236 -10.17 4.66 2.06
CA GLU A 236 -10.43 3.65 1.04
C GLU A 236 -9.25 3.64 0.02
N GLU A 237 -8.86 4.83 -0.42
CA GLU A 237 -7.74 4.92 -1.37
C GLU A 237 -6.48 4.30 -0.75
N SER A 238 -6.25 4.54 0.55
CA SER A 238 -5.05 4.00 1.21
C SER A 238 -5.04 2.47 1.17
N ILE A 239 -6.23 1.86 1.17
CA ILE A 239 -6.33 0.42 1.01
C ILE A 239 -5.99 0.02 -0.44
N TYR A 240 -6.57 0.71 -1.42
CA TYR A 240 -6.24 0.44 -2.83
C TYR A 240 -4.75 0.57 -3.10
N GLN A 241 -4.11 1.55 -2.45
CA GLN A 241 -2.69 1.82 -2.71
C GLN A 241 -1.75 0.74 -2.18
N CYS A 242 -2.28 -0.16 -1.36
CA CYS A 242 -1.49 -1.32 -0.88
C CYS A 242 -1.34 -2.40 -1.99
N CYS A 243 -2.12 -2.32 -3.08
CA CYS A 243 -1.97 -3.31 -4.13
C CYS A 243 -0.67 -3.05 -4.89
N ASP A 244 -0.15 -4.10 -5.53
CA ASP A 244 0.90 -3.89 -6.55
C ASP A 244 0.11 -3.32 -7.75
N LEU A 245 0.57 -2.17 -8.26
CA LEU A 245 -0.12 -1.45 -9.34
C LEU A 245 0.90 -0.95 -10.36
N ALA A 246 0.43 -0.89 -11.60
CA ALA A 246 1.23 -0.26 -12.65
C ALA A 246 1.34 1.21 -12.25
N PRO A 247 2.44 1.87 -12.61
CA PRO A 247 2.59 3.28 -12.20
C PRO A 247 1.44 4.17 -12.69
N GLU A 248 1.00 3.95 -13.92
CA GLU A 248 -0.09 4.81 -14.43
C GLU A 248 -1.39 4.51 -13.65
N ALA A 249 -1.60 3.24 -13.25
CA ALA A 249 -2.79 2.92 -12.45
C ALA A 249 -2.66 3.64 -11.09
N ARG A 250 -1.47 3.63 -10.47
CA ARG A 250 -1.34 4.32 -9.18
C ARG A 250 -1.69 5.80 -9.30
N GLN A 251 -1.18 6.46 -10.35
CA GLN A 251 -1.48 7.87 -10.54
C GLN A 251 -2.99 8.05 -10.85
N ALA A 252 -3.56 7.22 -11.73
CA ALA A 252 -4.97 7.39 -12.05
C ALA A 252 -5.83 7.26 -10.79
N ILE A 253 -5.50 6.32 -9.91
CA ILE A 253 -6.26 6.12 -8.67
C ILE A 253 -6.12 7.37 -7.79
N ARG A 254 -4.88 7.88 -7.64
CA ARG A 254 -4.63 9.09 -6.86
C ARG A 254 -5.44 10.26 -7.43
N SER A 255 -5.36 10.46 -8.75
CA SER A 255 -6.08 11.55 -9.40
C SER A 255 -7.60 11.38 -9.30
N LEU A 256 -8.10 10.19 -9.60
CA LEU A 256 -9.55 9.98 -9.49
C LEU A 256 -10.01 10.21 -8.07
N THR A 257 -9.24 9.78 -7.09
CA THR A 257 -9.64 10.00 -5.68
C THR A 257 -9.85 11.47 -5.37
N GLU A 258 -8.89 12.31 -5.73
CA GLU A 258 -9.04 13.72 -5.38
C GLU A 258 -9.96 14.51 -6.29
N ARG A 259 -10.08 14.08 -7.56
CA ARG A 259 -10.82 14.86 -8.54
C ARG A 259 -12.27 14.42 -8.68
N LEU A 260 -12.57 13.20 -8.26
CA LEU A 260 -13.90 12.64 -8.49
C LEU A 260 -14.44 11.95 -7.23
N TYR A 261 -13.70 11.02 -6.67
CA TYR A 261 -14.31 10.22 -5.60
C TYR A 261 -14.62 11.01 -4.33
N ILE A 262 -13.74 11.90 -3.90
CA ILE A 262 -13.99 12.61 -2.64
C ILE A 262 -15.08 13.66 -2.77
N GLY A 263 -15.39 14.07 -4.00
CA GLY A 263 -16.37 15.12 -4.21
C GLY A 263 -16.14 15.85 -5.50
N GLY A 264 -16.99 16.83 -5.75
CA GLY A 264 -16.89 17.57 -7.00
C GLY A 264 -18.18 18.26 -7.36
N PRO A 265 -18.14 19.07 -8.40
CA PRO A 265 -19.29 19.89 -8.82
C PRO A 265 -20.38 19.02 -9.44
N LEU A 266 -21.63 19.49 -9.30
CA LEU A 266 -22.80 18.77 -9.80
C LEU A 266 -23.44 19.64 -10.85
N THR A 267 -23.71 19.04 -12.02
CA THR A 267 -24.34 19.76 -13.12
C THR A 267 -25.65 19.07 -13.43
N ASN A 268 -26.71 19.83 -13.68
CA ASN A 268 -27.96 19.18 -14.03
C ASN A 268 -28.05 18.85 -15.51
N SER A 269 -29.14 18.20 -15.93
CA SER A 269 -29.27 17.76 -17.31
C SER A 269 -29.25 18.94 -18.29
N LYS A 270 -29.57 20.14 -17.81
CA LYS A 270 -29.60 21.34 -18.69
C LYS A 270 -28.23 22.03 -18.75
N GLY A 271 -27.24 21.48 -18.03
CA GLY A 271 -25.90 22.05 -18.02
C GLY A 271 -25.64 23.12 -16.98
N GLN A 272 -26.60 23.31 -16.08
CA GLN A 272 -26.48 24.33 -15.06
C GLN A 272 -25.75 23.81 -13.84
N ASN A 273 -24.92 24.66 -13.26
CA ASN A 273 -24.18 24.30 -12.05
C ASN A 273 -25.21 24.15 -10.93
N CYS A 274 -25.30 22.94 -10.36
CA CYS A 274 -26.34 22.58 -9.38
C CYS A 274 -25.87 22.60 -7.93
N GLY A 275 -24.60 22.32 -7.68
CA GLY A 275 -24.16 22.27 -6.32
C GLY A 275 -22.80 21.59 -6.23
N TYR A 276 -22.49 21.11 -5.04
CA TYR A 276 -21.17 20.51 -4.82
C TYR A 276 -21.33 19.38 -3.86
N ARG A 277 -20.68 18.27 -4.16
CA ARG A 277 -20.76 17.05 -3.37
C ARG A 277 -19.46 16.83 -2.60
N ARG A 278 -19.56 16.45 -1.33
CA ARG A 278 -18.41 16.07 -0.51
C ARG A 278 -18.64 14.70 0.17
N CYS A 279 -19.28 13.80 -0.56
CA CYS A 279 -19.60 12.47 -0.01
C CYS A 279 -19.61 11.52 -1.21
N ARG A 280 -20.02 10.30 -0.97
CA ARG A 280 -19.98 9.27 -2.03
C ARG A 280 -20.90 9.60 -3.22
N ALA A 281 -20.39 9.46 -4.44
CA ALA A 281 -21.22 9.53 -5.65
C ALA A 281 -21.78 8.11 -5.89
N SER A 282 -23.05 8.01 -6.25
CA SER A 282 -23.64 6.70 -6.46
C SER A 282 -23.15 6.05 -7.73
N GLY A 283 -22.77 6.84 -8.71
CA GLY A 283 -22.50 6.33 -10.05
C GLY A 283 -21.06 6.33 -10.52
N VAL A 284 -20.21 5.77 -9.67
CA VAL A 284 -18.80 5.59 -10.06
C VAL A 284 -18.39 4.17 -9.77
N LEU A 285 -17.26 3.77 -10.36
CA LEU A 285 -16.90 2.35 -10.29
C LEU A 285 -16.59 1.86 -8.89
N THR A 286 -16.05 2.73 -8.04
CA THR A 286 -15.66 2.35 -6.68
C THR A 286 -16.80 2.37 -5.65
N THR A 287 -18.01 2.75 -6.06
CA THR A 287 -19.08 2.88 -5.06
C THR A 287 -19.35 1.60 -4.31
N SER A 288 -19.53 0.51 -5.03
CA SER A 288 -19.83 -0.74 -4.32
C SER A 288 -18.71 -1.19 -3.39
N CYS A 289 -17.51 -1.25 -3.95
CA CYS A 289 -16.35 -1.72 -3.18
C CYS A 289 -16.06 -0.77 -2.02
N GLY A 290 -16.06 0.53 -2.33
CA GLY A 290 -15.78 1.54 -1.33
C GLY A 290 -16.80 1.48 -0.21
N ASN A 291 -18.08 1.40 -0.57
CA ASN A 291 -19.08 1.35 0.50
C ASN A 291 -18.90 0.10 1.32
N THR A 292 -18.64 -1.03 0.68
CA THR A 292 -18.51 -2.27 1.41
C THR A 292 -17.34 -2.19 2.40
N LEU A 293 -16.20 -1.71 1.91
CA LEU A 293 -15.00 -1.60 2.77
C LEU A 293 -15.27 -0.66 3.94
N THR A 294 -15.93 0.46 3.65
CA THR A 294 -16.20 1.49 4.68
C THR A 294 -17.15 0.95 5.75
N CYS A 295 -18.21 0.30 5.30
CA CYS A 295 -19.18 -0.32 6.20
C CYS A 295 -18.51 -1.41 7.05
N TYR A 296 -17.70 -2.26 6.42
CA TYR A 296 -17.01 -3.32 7.12
C TYR A 296 -16.05 -2.75 8.15
N LEU A 297 -15.30 -1.72 7.77
CA LEU A 297 -14.30 -1.14 8.65
C LEU A 297 -15.00 -0.56 9.89
N LYS A 298 -15.97 0.32 9.66
CA LYS A 298 -16.72 0.94 10.75
C LYS A 298 -17.38 -0.12 11.62
N ALA A 299 -18.01 -1.12 11.01
CA ALA A 299 -18.72 -2.10 11.82
C ALA A 299 -17.78 -3.00 12.61
N THR A 300 -16.69 -3.42 11.97
CA THR A 300 -15.73 -4.27 12.66
C THR A 300 -15.17 -3.57 13.90
N ALA A 301 -14.82 -2.31 13.70
CA ALA A 301 -14.32 -1.50 14.81
C ALA A 301 -15.39 -1.31 15.87
N ALA A 302 -16.63 -1.04 15.45
CA ALA A 302 -17.75 -0.80 16.37
C ALA A 302 -18.06 -2.07 17.18
N CYS A 303 -17.88 -3.25 16.58
CA CYS A 303 -18.09 -4.49 17.31
C CYS A 303 -17.10 -4.59 18.48
N ARG A 304 -15.86 -4.14 18.26
CA ARG A 304 -14.84 -4.23 19.28
C ARG A 304 -15.13 -3.22 20.40
N ALA A 305 -15.55 -2.03 20.01
CA ALA A 305 -15.94 -0.99 20.98
C ALA A 305 -17.07 -1.50 21.86
N ALA A 306 -18.03 -2.18 21.23
CA ALA A 306 -19.21 -2.67 21.93
C ALA A 306 -19.00 -3.95 22.71
N LYS A 307 -17.83 -4.58 22.52
CA LYS A 307 -17.49 -5.86 23.15
C LYS A 307 -18.47 -6.97 22.77
N LEU A 308 -18.91 -6.95 21.51
CA LEU A 308 -19.72 -8.05 21.02
C LEU A 308 -18.76 -9.19 20.81
N GLN A 309 -19.20 -10.39 21.16
CA GLN A 309 -18.37 -11.58 21.10
C GLN A 309 -18.51 -12.45 19.85
N ASP A 310 -17.37 -12.90 19.34
CA ASP A 310 -17.31 -13.81 18.17
C ASP A 310 -18.20 -13.38 17.01
N CYS A 311 -18.05 -12.14 16.58
CA CYS A 311 -18.87 -11.63 15.50
C CYS A 311 -18.48 -12.23 14.15
N THR A 312 -19.48 -12.33 13.28
CA THR A 312 -19.25 -12.74 11.91
C THR A 312 -20.15 -11.82 11.15
N MET A 313 -19.57 -11.01 10.29
CA MET A 313 -20.40 -10.11 9.53
C MET A 313 -20.59 -10.55 8.09
N LEU A 314 -21.66 -10.06 7.49
CA LEU A 314 -21.89 -10.30 6.05
C LEU A 314 -22.25 -8.91 5.52
N VAL A 315 -21.44 -8.40 4.59
CA VAL A 315 -21.61 -7.01 4.12
C VAL A 315 -21.68 -6.92 2.60
N ASN A 316 -22.63 -6.12 2.11
CA ASN A 316 -22.77 -5.93 0.65
C ASN A 316 -23.08 -4.45 0.54
N GLY A 317 -22.11 -3.61 0.14
CA GLY A 317 -22.37 -2.17 0.08
C GLY A 317 -22.66 -1.65 1.50
N ASP A 318 -23.75 -0.87 1.64
CA ASP A 318 -24.18 -0.42 2.97
C ASP A 318 -25.06 -1.42 3.74
N ASP A 319 -25.27 -2.62 3.19
CA ASP A 319 -26.16 -3.58 3.84
C ASP A 319 -25.31 -4.46 4.71
N LEU A 320 -25.65 -4.48 6.00
CA LEU A 320 -24.82 -5.17 6.98
C LEU A 320 -25.65 -6.04 7.92
N VAL A 321 -25.20 -7.27 8.13
CA VAL A 321 -25.82 -8.15 9.12
C VAL A 321 -24.65 -8.70 9.93
N VAL A 322 -24.89 -8.84 11.23
CA VAL A 322 -23.88 -9.34 12.15
C VAL A 322 -24.46 -10.48 12.93
N ILE A 323 -23.71 -11.59 13.03
CA ILE A 323 -24.16 -12.74 13.80
C ILE A 323 -23.08 -13.01 14.83
N CYS A 324 -23.47 -13.03 16.12
CA CYS A 324 -22.47 -13.20 17.18
C CYS A 324 -22.91 -14.17 18.26
N GLU A 325 -22.07 -14.29 19.28
CA GLU A 325 -22.35 -15.14 20.44
C GLU A 325 -23.12 -14.28 21.46
N SER A 326 -24.31 -14.71 21.87
CA SER A 326 -25.07 -13.96 22.87
C SER A 326 -24.35 -13.98 24.21
N ALA A 327 -24.47 -12.87 24.94
CA ALA A 327 -23.92 -12.74 26.30
C ALA A 327 -25.09 -12.67 27.27
N GLY A 328 -26.30 -12.88 26.75
CA GLY A 328 -27.50 -12.77 27.54
C GLY A 328 -28.35 -11.63 27.03
N THR A 329 -29.64 -11.68 27.31
CA THR A 329 -30.55 -10.67 26.79
C THR A 329 -30.21 -9.21 27.12
N GLN A 330 -30.00 -8.93 28.40
CA GLN A 330 -29.70 -7.57 28.83
C GLN A 330 -28.33 -7.13 28.29
N GLU A 331 -27.37 -8.03 28.37
CA GLU A 331 -26.01 -7.76 27.91
C GLU A 331 -26.02 -7.45 26.41
N ASP A 332 -26.74 -8.27 25.65
CA ASP A 332 -26.86 -8.04 24.19
C ASP A 332 -27.47 -6.69 23.85
N ALA A 333 -28.55 -6.31 24.54
CA ALA A 333 -29.26 -5.06 24.29
C ALA A 333 -28.32 -3.87 24.54
N ALA A 334 -27.52 -3.98 25.60
CA ALA A 334 -26.59 -2.91 25.96
C ALA A 334 -25.45 -2.84 24.93
N ALA A 335 -24.95 -4.02 24.55
CA ALA A 335 -23.86 -4.07 23.55
C ALA A 335 -24.31 -3.50 22.21
N LEU A 336 -25.54 -3.78 21.81
CA LEU A 336 -26.02 -3.22 20.55
C LEU A 336 -26.12 -1.69 20.60
N ARG A 337 -26.53 -1.17 21.75
CA ARG A 337 -26.59 0.28 21.92
C ARG A 337 -25.18 0.85 21.80
N ALA A 338 -24.21 0.18 22.40
CA ALA A 338 -22.80 0.60 22.32
C ALA A 338 -22.28 0.52 20.87
N PHE A 339 -22.71 -0.52 20.16
CA PHE A 339 -22.31 -0.65 18.75
C PHE A 339 -22.82 0.55 17.96
N THR A 340 -24.10 0.91 18.13
CA THR A 340 -24.73 2.01 17.46
C THR A 340 -24.01 3.31 17.83
N GLU A 341 -23.65 3.46 19.10
CA GLU A 341 -22.94 4.68 19.51
C GLU A 341 -21.62 4.83 18.77
N ALA A 342 -20.88 3.73 18.68
CA ALA A 342 -19.61 3.71 17.95
C ALA A 342 -19.82 4.00 16.47
N MET A 343 -20.78 3.31 15.83
CA MET A 343 -21.06 3.60 14.43
C MET A 343 -21.37 5.09 14.21
N THR A 344 -22.18 5.66 15.09
CA THR A 344 -22.54 7.06 15.00
C THR A 344 -21.29 7.97 15.07
N ARG A 345 -20.38 7.67 15.99
CA ARG A 345 -19.14 8.45 16.09
C ARG A 345 -18.37 8.36 14.77
N TYR A 346 -18.44 7.17 14.15
CA TYR A 346 -17.73 6.96 12.88
C TYR A 346 -18.44 7.55 11.70
N SER A 347 -19.58 8.23 11.91
CA SER A 347 -20.38 8.81 10.86
C SER A 347 -21.09 7.68 10.10
N ALA A 348 -21.86 6.88 10.84
CA ALA A 348 -22.72 5.88 10.22
C ALA A 348 -23.89 5.73 11.20
N PRO A 349 -24.62 6.82 11.43
CA PRO A 349 -25.77 6.83 12.36
C PRO A 349 -26.87 5.92 11.80
N PRO A 350 -27.71 5.37 12.69
CA PRO A 350 -28.75 4.43 12.22
C PRO A 350 -30.00 5.08 11.66
N GLY A 351 -30.71 4.35 10.80
CA GLY A 351 -32.02 4.72 10.30
C GLY A 351 -32.92 4.13 11.39
N ASP A 352 -33.33 2.88 11.22
CA ASP A 352 -34.08 2.24 12.31
C ASP A 352 -33.07 1.75 13.35
N PRO A 353 -33.31 2.01 14.65
CA PRO A 353 -32.31 1.49 15.59
C PRO A 353 -32.29 -0.04 15.48
N PRO A 354 -31.10 -0.66 15.60
CA PRO A 354 -31.01 -2.11 15.45
C PRO A 354 -31.65 -2.87 16.62
N GLN A 355 -32.07 -4.09 16.36
CA GLN A 355 -32.70 -4.89 17.40
C GLN A 355 -32.06 -6.27 17.38
N PRO A 356 -31.73 -6.81 18.56
CA PRO A 356 -31.16 -8.15 18.58
C PRO A 356 -32.23 -9.16 18.19
N GLU A 357 -31.84 -10.15 17.40
CA GLU A 357 -32.73 -11.26 17.01
C GLU A 357 -32.13 -12.59 17.42
N TYR A 358 -33.00 -13.52 17.82
CA TYR A 358 -32.54 -14.82 18.27
C TYR A 358 -33.06 -15.99 17.42
N ASP A 359 -33.65 -15.65 16.29
CA ASP A 359 -34.17 -16.58 15.30
C ASP A 359 -33.58 -16.14 13.93
N LEU A 360 -32.89 -17.05 13.24
CA LEU A 360 -32.29 -16.68 11.94
C LEU A 360 -33.33 -16.18 10.94
N GLU A 361 -34.52 -16.75 10.97
CA GLU A 361 -35.56 -16.36 10.02
C GLU A 361 -36.09 -14.94 10.21
N LEU A 362 -35.81 -14.35 11.36
CA LEU A 362 -36.28 -13.00 11.68
C LEU A 362 -35.29 -11.94 11.26
N ILE A 363 -34.16 -12.36 10.74
CA ILE A 363 -33.16 -11.41 10.32
C ILE A 363 -33.32 -11.12 8.83
N THR A 364 -33.16 -9.85 8.48
CA THR A 364 -33.30 -9.43 7.10
C THR A 364 -31.97 -8.83 6.68
N SER A 365 -31.44 -9.33 5.56
CA SER A 365 -30.22 -8.80 4.97
C SER A 365 -30.44 -8.81 3.44
N CYS A 366 -30.08 -7.72 2.79
N CYS A 366 -30.09 -7.70 2.81
CA CYS A 366 -30.35 -7.54 1.36
CA CYS A 366 -30.39 -7.48 1.40
C CYS A 366 -31.87 -7.74 1.20
C CYS A 366 -31.88 -7.71 1.20
N SER A 367 -32.64 -7.22 2.17
CA SER A 367 -34.13 -7.29 2.16
C SER A 367 -34.69 -8.69 2.15
N SER A 368 -33.85 -9.68 2.41
CA SER A 368 -34.24 -11.09 2.30
C SER A 368 -34.09 -11.81 3.61
N ASN A 369 -34.84 -12.90 3.77
CA ASN A 369 -34.79 -13.71 4.96
C ASN A 369 -34.72 -15.16 4.58
N VAL A 370 -34.06 -15.94 5.44
CA VAL A 370 -33.96 -17.37 5.24
C VAL A 370 -35.31 -17.98 5.60
N SER A 371 -35.80 -18.90 4.76
CA SER A 371 -37.03 -19.61 5.06
C SER A 371 -36.77 -21.08 4.69
N VAL A 372 -37.70 -21.96 5.05
CA VAL A 372 -37.51 -23.38 4.82
C VAL A 372 -38.65 -23.98 4.01
N ALA A 373 -38.32 -24.91 3.12
CA ALA A 373 -39.35 -25.68 2.40
C ALA A 373 -38.81 -27.09 2.33
N HIS A 374 -39.50 -27.98 1.61
CA HIS A 374 -39.08 -29.37 1.55
C HIS A 374 -38.95 -29.79 0.11
N ASP A 375 -37.98 -30.67 -0.18
CA ASP A 375 -37.80 -31.15 -1.56
C ASP A 375 -38.70 -32.36 -1.85
N ALA A 376 -38.54 -32.97 -3.03
CA ALA A 376 -39.39 -34.12 -3.40
C ALA A 376 -39.37 -35.27 -2.36
N SER A 377 -38.25 -35.45 -1.67
CA SER A 377 -38.13 -36.48 -0.62
C SER A 377 -38.64 -36.03 0.77
N GLY A 378 -38.99 -34.75 0.91
CA GLY A 378 -39.47 -34.25 2.19
C GLY A 378 -38.36 -33.67 3.04
N LYS A 379 -37.13 -33.68 2.52
CA LYS A 379 -36.02 -33.11 3.26
C LYS A 379 -36.03 -31.58 3.26
N ARG A 380 -35.62 -31.01 4.39
CA ARG A 380 -35.60 -29.55 4.56
C ARG A 380 -34.59 -28.89 3.62
N VAL A 381 -35.00 -27.80 3.00
CA VAL A 381 -34.13 -26.99 2.16
C VAL A 381 -34.28 -25.55 2.60
N TYR A 382 -33.17 -24.91 2.94
CA TYR A 382 -33.25 -23.47 3.29
C TYR A 382 -33.07 -22.66 1.98
N TYR A 383 -33.68 -21.49 1.90
CA TYR A 383 -33.55 -20.67 0.68
C TYR A 383 -33.88 -19.24 1.11
N LEU A 384 -33.51 -18.26 0.28
CA LEU A 384 -33.76 -16.88 0.64
C LEU A 384 -35.01 -16.39 -0.11
N THR A 385 -35.83 -15.64 0.62
CA THR A 385 -37.02 -15.06 0.04
C THR A 385 -37.11 -13.60 0.51
N ARG A 386 -38.14 -12.89 0.03
CA ARG A 386 -38.32 -11.50 0.44
C ARG A 386 -39.79 -11.18 0.26
N ASP A 387 -40.22 -10.01 0.76
CA ASP A 387 -41.60 -9.59 0.55
C ASP A 387 -41.73 -9.33 -0.97
N PRO A 388 -42.76 -9.90 -1.63
CA PRO A 388 -42.77 -9.78 -3.10
C PRO A 388 -43.41 -8.50 -3.66
N THR A 389 -43.78 -7.58 -2.75
CA THR A 389 -44.47 -6.36 -3.18
C THR A 389 -43.69 -5.59 -4.26
N THR A 390 -42.44 -5.23 -3.97
CA THR A 390 -41.69 -4.45 -4.95
C THR A 390 -41.40 -5.23 -6.24
N PRO A 391 -41.02 -6.52 -6.12
CA PRO A 391 -40.82 -7.29 -7.34
C PRO A 391 -42.08 -7.35 -8.19
N LEU A 392 -43.25 -7.48 -7.57
CA LEU A 392 -44.49 -7.59 -8.38
C LEU A 392 -44.88 -6.23 -9.00
N ALA A 393 -44.73 -5.16 -8.22
CA ALA A 393 -45.03 -3.83 -8.75
C ALA A 393 -44.13 -3.55 -9.98
N ARG A 394 -42.83 -3.85 -9.84
CA ARG A 394 -41.90 -3.62 -10.95
C ARG A 394 -42.19 -4.52 -12.14
N ALA A 395 -42.54 -5.77 -11.88
CA ALA A 395 -42.88 -6.70 -12.96
C ALA A 395 -44.10 -6.14 -13.72
N ALA A 396 -45.05 -5.58 -12.98
CA ALA A 396 -46.23 -4.98 -13.66
C ALA A 396 -45.80 -3.82 -14.57
N TRP A 397 -44.91 -2.95 -14.04
CA TRP A 397 -44.46 -1.83 -14.84
C TRP A 397 -43.72 -2.32 -16.08
N GLU A 398 -42.88 -3.35 -15.94
CA GLU A 398 -42.11 -3.89 -17.04
C GLU A 398 -42.95 -4.62 -18.09
N THR A 399 -44.13 -5.05 -17.66
CA THR A 399 -45.09 -5.68 -18.58
C THR A 399 -45.75 -4.60 -19.47
N ALA A 400 -46.01 -3.43 -18.89
CA ALA A 400 -46.70 -2.35 -19.64
C ALA A 400 -45.73 -1.47 -20.41
N ARG A 401 -44.47 -1.46 -19.99
CA ARG A 401 -43.47 -0.60 -20.64
C ARG A 401 -42.17 -1.34 -20.93
N HIS A 402 -41.48 -0.98 -22.01
CA HIS A 402 -40.16 -1.58 -22.24
C HIS A 402 -39.18 -0.80 -21.34
N THR A 403 -38.37 -1.49 -20.54
CA THR A 403 -37.49 -0.82 -19.60
C THR A 403 -36.08 -1.28 -19.90
N PRO A 404 -35.07 -0.48 -19.52
CA PRO A 404 -33.71 -0.93 -19.86
C PRO A 404 -33.27 -2.16 -19.06
N ILE A 405 -33.70 -2.26 -17.81
CA ILE A 405 -33.35 -3.43 -17.00
C ILE A 405 -34.64 -4.15 -16.68
N ASN A 406 -34.66 -5.46 -16.86
CA ASN A 406 -35.84 -6.25 -16.55
C ASN A 406 -35.67 -6.84 -15.17
N SER A 407 -36.17 -6.12 -14.17
CA SER A 407 -36.07 -6.62 -12.81
C SER A 407 -36.72 -8.01 -12.66
N TRP A 408 -37.82 -8.24 -13.37
CA TRP A 408 -38.49 -9.53 -13.24
C TRP A 408 -37.57 -10.71 -13.52
N LEU A 409 -36.69 -10.54 -14.51
CA LEU A 409 -35.80 -11.63 -14.90
C LEU A 409 -34.71 -11.80 -13.84
N GLY A 410 -34.19 -10.70 -13.31
CA GLY A 410 -33.22 -10.80 -12.20
C GLY A 410 -33.84 -11.45 -10.98
N ASN A 411 -35.13 -11.15 -10.74
CA ASN A 411 -35.83 -11.71 -9.58
C ASN A 411 -36.09 -13.20 -9.75
N ILE A 412 -36.44 -13.62 -10.97
CA ILE A 412 -36.58 -15.07 -11.15
C ILE A 412 -35.23 -15.74 -10.94
N ILE A 413 -34.14 -15.14 -11.45
CA ILE A 413 -32.82 -15.76 -11.27
C ILE A 413 -32.44 -15.84 -9.81
N MET A 414 -32.58 -14.75 -9.07
CA MET A 414 -32.13 -14.77 -7.68
C MET A 414 -33.08 -15.39 -6.68
N TYR A 415 -34.37 -15.39 -7.03
CA TYR A 415 -35.39 -15.90 -6.11
C TYR A 415 -36.13 -17.13 -6.67
N ALA A 416 -35.48 -17.82 -7.60
CA ALA A 416 -36.07 -19.00 -8.21
C ALA A 416 -36.78 -20.01 -7.27
N PRO A 417 -36.23 -20.31 -6.08
CA PRO A 417 -36.91 -21.31 -5.25
C PRO A 417 -38.18 -20.82 -4.57
N THR A 418 -38.45 -19.50 -4.62
CA THR A 418 -39.58 -18.95 -3.88
C THR A 418 -40.93 -19.29 -4.49
N LEU A 419 -41.92 -19.36 -3.62
CA LEU A 419 -43.28 -19.66 -4.09
C LEU A 419 -43.76 -18.59 -5.10
N TRP A 420 -43.49 -17.32 -4.81
CA TRP A 420 -43.99 -16.23 -5.64
C TRP A 420 -43.21 -16.12 -6.98
N ALA A 421 -41.91 -16.38 -6.99
CA ALA A 421 -41.22 -16.34 -8.29
C ALA A 421 -41.64 -17.47 -9.20
N ARG A 422 -41.89 -18.64 -8.61
CA ARG A 422 -42.29 -19.81 -9.40
C ARG A 422 -43.75 -19.69 -9.87
N MET A 423 -44.67 -19.43 -8.94
CA MET A 423 -46.08 -19.43 -9.33
C MET A 423 -46.51 -18.21 -10.14
N ILE A 424 -45.95 -17.04 -9.81
CA ILE A 424 -46.39 -15.81 -10.43
C ILE A 424 -45.42 -15.32 -11.49
N LEU A 425 -44.17 -15.03 -11.12
CA LEU A 425 -43.29 -14.45 -12.16
C LEU A 425 -42.99 -15.37 -13.34
N MET A 426 -42.67 -16.63 -13.07
CA MET A 426 -42.35 -17.53 -14.21
C MET A 426 -43.62 -17.68 -15.04
N THR A 427 -44.74 -17.92 -14.37
CA THR A 427 -46.00 -18.14 -15.14
C THR A 427 -46.39 -16.95 -16.02
N HIS A 428 -46.35 -15.77 -15.43
CA HIS A 428 -46.74 -14.56 -16.15
C HIS A 428 -45.87 -14.32 -17.38
N PHE A 429 -44.54 -14.27 -17.15
CA PHE A 429 -43.67 -13.93 -18.28
C PHE A 429 -43.51 -15.03 -19.30
N PHE A 430 -43.49 -16.29 -18.86
CA PHE A 430 -43.45 -17.35 -19.87
C PHE A 430 -44.70 -17.31 -20.71
N SER A 431 -45.85 -17.06 -20.09
CA SER A 431 -47.08 -16.98 -20.88
C SER A 431 -47.00 -15.91 -21.98
N ILE A 432 -46.58 -14.71 -21.60
CA ILE A 432 -46.54 -13.57 -22.53
C ILE A 432 -45.45 -13.77 -23.54
N LEU A 433 -44.27 -14.21 -23.12
CA LEU A 433 -43.19 -14.40 -24.13
C LEU A 433 -43.50 -15.53 -25.09
N LEU A 434 -44.17 -16.58 -24.63
CA LEU A 434 -44.49 -17.67 -25.54
C LEU A 434 -45.47 -17.16 -26.61
N ALA A 435 -46.48 -16.38 -26.17
CA ALA A 435 -47.47 -15.85 -27.13
C ALA A 435 -46.80 -14.94 -28.16
N GLN A 436 -45.70 -14.28 -27.76
CA GLN A 436 -44.99 -13.32 -28.61
C GLN A 436 -43.80 -13.91 -29.40
N GLU A 437 -43.57 -15.21 -29.24
CA GLU A 437 -42.45 -15.91 -29.87
C GLU A 437 -41.13 -15.28 -29.44
N GLN A 438 -41.05 -14.86 -28.16
CA GLN A 438 -39.84 -14.23 -27.64
C GLN A 438 -39.18 -14.99 -26.47
N LEU A 439 -39.49 -16.26 -26.30
CA LEU A 439 -38.89 -17.02 -25.21
C LEU A 439 -37.37 -17.00 -25.37
N GLY A 440 -36.89 -16.98 -26.62
CA GLY A 440 -35.45 -17.05 -26.86
C GLY A 440 -34.76 -15.72 -27.07
N LYS A 441 -35.49 -14.60 -26.87
CA LYS A 441 -34.92 -13.28 -27.09
C LYS A 441 -34.17 -12.80 -25.84
N ALA A 442 -32.87 -12.52 -25.99
CA ALA A 442 -32.09 -12.08 -24.83
C ALA A 442 -32.59 -10.76 -24.28
N LEU A 443 -32.66 -10.69 -22.95
CA LEU A 443 -33.09 -9.48 -22.23
C LEU A 443 -32.02 -9.08 -21.24
N ASP A 444 -31.95 -7.80 -20.96
CA ASP A 444 -30.96 -7.34 -19.98
C ASP A 444 -31.52 -7.41 -18.57
N CYS A 445 -30.66 -7.87 -17.65
CA CYS A 445 -31.03 -7.88 -16.25
C CYS A 445 -29.76 -7.59 -15.46
N GLN A 446 -29.91 -7.46 -14.15
CA GLN A 446 -28.77 -7.08 -13.32
C GLN A 446 -28.60 -8.07 -12.19
N ILE A 447 -27.34 -8.50 -11.99
CA ILE A 447 -26.98 -9.41 -10.93
C ILE A 447 -25.77 -8.79 -10.17
N TYR A 448 -26.00 -8.47 -8.90
CA TYR A 448 -24.96 -7.80 -8.07
C TYR A 448 -24.48 -6.53 -8.81
N GLY A 449 -25.42 -5.83 -9.44
CA GLY A 449 -25.11 -4.55 -10.06
C GLY A 449 -24.54 -4.59 -11.46
N ALA A 450 -24.09 -5.75 -11.93
CA ALA A 450 -23.57 -5.86 -13.29
C ALA A 450 -24.71 -6.29 -14.22
N CYS A 451 -24.64 -5.84 -15.47
N CYS A 451 -24.63 -5.86 -15.48
CA CYS A 451 -25.65 -6.14 -16.47
CA CYS A 451 -25.65 -6.18 -16.46
C CYS A 451 -25.30 -7.39 -17.26
C CYS A 451 -25.30 -7.42 -17.26
N TYR A 452 -26.32 -8.24 -17.49
CA TYR A 452 -26.16 -9.48 -18.26
C TYR A 452 -27.27 -9.54 -19.29
N SER A 453 -27.00 -10.15 -20.43
CA SER A 453 -28.02 -10.34 -21.48
C SER A 453 -28.33 -11.83 -21.45
N ILE A 454 -29.56 -12.17 -21.05
CA ILE A 454 -29.93 -13.56 -20.79
C ILE A 454 -31.20 -13.96 -21.56
N GLU A 455 -31.17 -15.14 -22.18
CA GLU A 455 -32.36 -15.66 -22.88
C GLU A 455 -33.22 -16.40 -21.85
N PRO A 456 -34.52 -16.05 -21.74
CA PRO A 456 -35.33 -16.75 -20.71
C PRO A 456 -35.31 -18.29 -20.86
N LEU A 457 -35.16 -18.79 -22.09
CA LEU A 457 -35.09 -20.25 -22.26
C LEU A 457 -33.89 -20.94 -21.59
N ASP A 458 -32.89 -20.15 -21.19
CA ASP A 458 -31.70 -20.71 -20.49
C ASP A 458 -31.90 -20.73 -18.96
N LEU A 459 -33.06 -20.24 -18.50
CA LEU A 459 -33.31 -20.22 -17.06
C LEU A 459 -33.11 -21.54 -16.32
N PRO A 460 -33.57 -22.69 -16.89
CA PRO A 460 -33.45 -23.92 -16.08
C PRO A 460 -32.01 -24.20 -15.66
N GLN A 461 -31.06 -24.13 -16.61
CA GLN A 461 -29.70 -24.46 -16.24
C GLN A 461 -29.11 -23.39 -15.32
N ILE A 462 -29.48 -22.12 -15.51
CA ILE A 462 -28.99 -21.06 -14.63
C ILE A 462 -29.48 -21.37 -13.21
N ILE A 463 -30.78 -21.67 -13.09
CA ILE A 463 -31.36 -21.94 -11.77
C ILE A 463 -30.69 -23.15 -11.11
N GLU A 464 -30.47 -24.23 -11.89
CA GLU A 464 -29.84 -25.41 -11.32
C GLU A 464 -28.48 -25.00 -10.71
N ARG A 465 -27.69 -24.21 -11.43
CA ARG A 465 -26.37 -23.82 -10.91
C ARG A 465 -26.45 -22.92 -9.67
N LEU A 466 -27.35 -21.95 -9.69
CA LEU A 466 -27.44 -20.97 -8.60
C LEU A 466 -28.12 -21.50 -7.34
N HIS A 467 -29.03 -22.47 -7.51
CA HIS A 467 -29.87 -22.90 -6.41
C HIS A 467 -29.89 -24.40 -6.15
N GLY A 468 -29.54 -25.21 -7.13
CA GLY A 468 -29.63 -26.67 -7.00
C GLY A 468 -30.93 -27.13 -7.64
N LEU A 469 -31.00 -28.42 -8.00
CA LEU A 469 -32.20 -28.98 -8.59
C LEU A 469 -33.37 -28.90 -7.64
N SER A 470 -33.10 -28.78 -6.35
CA SER A 470 -34.23 -28.68 -5.41
C SER A 470 -35.13 -27.48 -5.70
N ALA A 471 -34.60 -26.44 -6.37
CA ALA A 471 -35.40 -25.26 -6.69
C ALA A 471 -36.61 -25.63 -7.54
N PHE A 472 -36.56 -26.79 -8.20
CA PHE A 472 -37.68 -27.22 -9.06
C PHE A 472 -38.60 -28.21 -8.39
N THR A 473 -38.35 -28.50 -7.11
CA THR A 473 -39.14 -29.49 -6.40
C THR A 473 -39.70 -28.98 -5.07
N LEU A 474 -39.35 -27.76 -4.67
CA LEU A 474 -39.81 -27.35 -3.33
C LEU A 474 -41.30 -27.37 -3.16
N HIS A 475 -41.73 -27.69 -1.94
CA HIS A 475 -43.15 -27.64 -1.61
C HIS A 475 -43.21 -27.55 -0.09
N SER A 476 -44.43 -27.48 0.45
CA SER A 476 -44.60 -27.38 1.91
C SER A 476 -43.82 -26.16 2.43
N TYR A 477 -44.12 -25.01 1.82
CA TYR A 477 -43.56 -23.73 2.20
C TYR A 477 -44.06 -23.38 3.59
N SER A 478 -43.35 -22.49 4.30
CA SER A 478 -43.76 -22.14 5.69
C SER A 478 -45.08 -21.39 5.71
N PRO A 479 -45.88 -21.63 6.75
CA PRO A 479 -47.17 -20.91 6.79
C PRO A 479 -46.96 -19.39 6.75
N GLY A 480 -45.92 -18.91 7.43
CA GLY A 480 -45.55 -17.52 7.47
C GLY A 480 -45.26 -16.95 6.09
N GLU A 481 -44.55 -17.74 5.29
CA GLU A 481 -44.20 -17.28 3.95
C GLU A 481 -45.45 -17.25 3.07
N ILE A 482 -46.28 -18.29 3.15
CA ILE A 482 -47.49 -18.36 2.33
C ILE A 482 -48.41 -17.20 2.69
N ASN A 483 -48.51 -16.90 3.98
CA ASN A 483 -49.34 -15.77 4.42
C ASN A 483 -48.83 -14.41 3.90
N ARG A 484 -47.51 -14.22 3.91
CA ARG A 484 -46.98 -12.97 3.39
C ARG A 484 -47.28 -12.84 1.91
N VAL A 485 -47.15 -13.95 1.16
CA VAL A 485 -47.46 -13.85 -0.27
C VAL A 485 -48.94 -13.55 -0.46
N ALA A 486 -49.79 -14.34 0.18
CA ALA A 486 -51.22 -14.15 -0.03
C ALA A 486 -51.70 -12.75 0.34
N SER A 487 -51.13 -12.20 1.41
CA SER A 487 -51.48 -10.85 1.85
C SER A 487 -51.06 -9.81 0.81
N CYS A 488 -49.85 -9.96 0.29
CA CYS A 488 -49.38 -9.12 -0.80
C CYS A 488 -50.35 -9.15 -2.02
N LEU A 489 -50.77 -10.34 -2.40
CA LEU A 489 -51.65 -10.46 -3.55
C LEU A 489 -52.97 -9.71 -3.31
N ARG A 490 -53.50 -9.81 -2.10
CA ARG A 490 -54.76 -9.11 -1.84
C ARG A 490 -54.53 -7.58 -1.91
N LYS A 491 -53.45 -7.14 -1.30
CA LYS A 491 -53.12 -5.73 -1.26
C LYS A 491 -52.99 -5.13 -2.66
N LEU A 492 -52.26 -5.82 -3.54
CA LEU A 492 -51.97 -5.32 -4.88
C LEU A 492 -53.06 -5.65 -5.94
N GLY A 493 -54.01 -6.52 -5.57
CA GLY A 493 -55.01 -6.96 -6.55
C GLY A 493 -54.43 -7.95 -7.56
N VAL A 494 -53.53 -8.81 -7.09
CA VAL A 494 -52.95 -9.84 -7.97
C VAL A 494 -53.89 -11.04 -7.84
N PRO A 495 -54.17 -11.74 -8.96
CA PRO A 495 -55.07 -12.91 -8.86
C PRO A 495 -54.51 -13.95 -7.88
N PRO A 496 -55.40 -14.73 -7.23
CA PRO A 496 -54.97 -15.72 -6.24
C PRO A 496 -54.15 -16.84 -6.85
N LEU A 497 -53.42 -17.54 -5.99
CA LEU A 497 -52.56 -18.63 -6.43
C LEU A 497 -53.28 -19.68 -7.30
N ARG A 498 -54.54 -20.00 -7.00
CA ARG A 498 -55.24 -20.98 -7.86
C ARG A 498 -55.24 -20.54 -9.32
N THR A 499 -55.37 -19.24 -9.57
CA THR A 499 -55.44 -18.73 -10.94
C THR A 499 -54.07 -18.90 -11.58
N TRP A 500 -53.01 -18.61 -10.81
CA TRP A 500 -51.64 -18.82 -11.27
C TRP A 500 -51.38 -20.28 -11.62
N ARG A 501 -51.89 -21.20 -10.78
CA ARG A 501 -51.71 -22.63 -11.08
C ARG A 501 -52.39 -22.95 -12.41
N HIS A 502 -53.60 -22.42 -12.63
CA HIS A 502 -54.26 -22.70 -13.90
C HIS A 502 -53.49 -22.16 -15.10
N ARG A 503 -53.01 -20.92 -14.99
CA ARG A 503 -52.25 -20.32 -16.06
C ARG A 503 -50.96 -21.11 -16.31
N ALA A 504 -50.35 -21.60 -15.22
CA ALA A 504 -49.10 -22.34 -15.33
C ALA A 504 -49.30 -23.67 -16.06
N ARG A 505 -50.40 -24.36 -15.75
CA ARG A 505 -50.67 -25.64 -16.44
C ARG A 505 -50.85 -25.37 -17.93
N SER A 506 -51.50 -24.26 -18.26
CA SER A 506 -51.70 -23.94 -19.64
C SER A 506 -50.39 -23.64 -20.38
N VAL A 507 -49.56 -22.76 -19.83
CA VAL A 507 -48.30 -22.45 -20.52
C VAL A 507 -47.36 -23.67 -20.51
N ARG A 508 -47.38 -24.44 -19.44
CA ARG A 508 -46.56 -25.67 -19.37
C ARG A 508 -46.89 -26.59 -20.56
N ALA A 509 -48.18 -26.78 -20.85
CA ALA A 509 -48.55 -27.68 -21.97
C ALA A 509 -47.99 -27.14 -23.28
N LYS A 510 -48.13 -25.84 -23.50
CA LYS A 510 -47.61 -25.24 -24.72
C LYS A 510 -46.09 -25.37 -24.83
N LEU A 511 -45.39 -25.13 -23.72
CA LEU A 511 -43.94 -25.25 -23.73
C LEU A 511 -43.52 -26.67 -24.08
N LEU A 512 -44.15 -27.67 -23.46
CA LEU A 512 -43.83 -29.06 -23.74
C LEU A 512 -44.07 -29.38 -25.22
N SER A 513 -45.14 -28.81 -25.79
CA SER A 513 -45.51 -29.07 -27.19
C SER A 513 -44.47 -28.55 -28.18
N GLN A 514 -43.69 -27.54 -27.80
CA GLN A 514 -42.70 -26.96 -28.69
C GLN A 514 -41.41 -27.76 -28.79
N GLY A 515 -41.17 -28.63 -27.83
CA GLY A 515 -39.92 -29.38 -27.78
C GLY A 515 -38.74 -28.46 -27.46
N GLY A 516 -37.53 -28.96 -27.66
CA GLY A 516 -36.35 -28.14 -27.47
C GLY A 516 -36.23 -27.49 -26.09
N ARG A 517 -35.68 -26.28 -26.10
CA ARG A 517 -35.45 -25.57 -24.83
C ARG A 517 -36.76 -25.23 -24.15
N ALA A 518 -37.81 -24.91 -24.94
CA ALA A 518 -39.11 -24.63 -24.33
C ALA A 518 -39.58 -25.83 -23.53
N ALA A 519 -39.45 -27.02 -24.09
CA ALA A 519 -39.88 -28.21 -23.37
C ALA A 519 -39.08 -28.45 -22.06
N ILE A 520 -37.78 -28.09 -22.06
CA ILE A 520 -37.01 -28.21 -20.83
C ILE A 520 -37.58 -27.21 -19.81
N CYS A 521 -37.96 -26.02 -20.28
CA CYS A 521 -38.60 -25.05 -19.36
C CYS A 521 -39.91 -25.60 -18.83
N GLY A 522 -40.75 -26.18 -19.71
CA GLY A 522 -41.98 -26.74 -19.21
C GLY A 522 -41.75 -27.82 -18.15
N ARG A 523 -40.76 -28.69 -18.40
CA ARG A 523 -40.47 -29.82 -17.50
C ARG A 523 -39.93 -29.34 -16.14
N TYR A 524 -38.92 -28.49 -16.18
CA TYR A 524 -38.30 -28.07 -14.91
C TYR A 524 -39.00 -26.91 -14.20
N LEU A 525 -39.30 -25.83 -14.93
CA LEU A 525 -39.87 -24.66 -14.28
C LEU A 525 -41.29 -24.86 -13.76
N PHE A 526 -42.04 -25.75 -14.43
CA PHE A 526 -43.46 -25.88 -14.09
C PHE A 526 -43.88 -27.28 -13.61
N ASN A 527 -42.92 -28.10 -13.19
CA ASN A 527 -43.27 -29.42 -12.64
C ASN A 527 -44.15 -29.24 -11.39
N TRP A 528 -44.03 -28.08 -10.70
CA TRP A 528 -44.86 -27.87 -9.52
C TRP A 528 -46.37 -27.81 -9.81
N ALA A 529 -46.70 -27.52 -11.06
CA ALA A 529 -48.08 -27.27 -11.45
C ALA A 529 -48.87 -28.54 -11.74
N VAL A 530 -48.20 -29.70 -11.79
CA VAL A 530 -48.91 -30.94 -12.12
C VAL A 530 -48.69 -32.01 -11.04
N ARG A 531 -49.60 -32.99 -11.00
CA ARG A 531 -49.42 -34.12 -10.09
C ARG A 531 -48.52 -35.17 -10.73
N THR A 532 -48.63 -35.32 -12.05
CA THR A 532 -47.87 -36.35 -12.77
C THR A 532 -46.51 -35.78 -13.10
N LYS A 533 -45.61 -35.85 -12.12
CA LYS A 533 -44.29 -35.23 -12.25
C LYS A 533 -43.45 -35.84 -13.35
N LEU A 534 -42.73 -34.99 -14.07
CA LEU A 534 -41.75 -35.46 -15.06
C LEU A 534 -40.44 -35.66 -14.31
N LYS A 535 -39.61 -36.58 -14.80
CA LYS A 535 -38.34 -36.87 -14.13
C LYS A 535 -37.35 -35.71 -14.31
N LEU A 536 -36.76 -35.23 -13.21
CA LEU A 536 -35.80 -34.14 -13.27
C LEU A 536 -34.40 -34.65 -13.01
N THR A 537 -33.53 -34.49 -13.98
CA THR A 537 -32.15 -34.93 -13.84
C THR A 537 -31.27 -33.72 -14.01
N PRO A 538 -29.97 -33.85 -13.70
CA PRO A 538 -29.10 -32.68 -13.96
C PRO A 538 -29.10 -32.31 -15.44
N ILE A 539 -29.21 -31.01 -15.71
CA ILE A 539 -29.28 -30.53 -17.09
C ILE A 539 -27.89 -30.45 -17.71
N PRO A 540 -27.69 -31.16 -18.84
CA PRO A 540 -26.32 -31.13 -19.39
C PRO A 540 -25.73 -29.71 -19.54
N ALA A 541 -26.55 -28.77 -20.01
CA ALA A 541 -26.11 -27.38 -20.19
C ALA A 541 -25.65 -26.72 -18.89
N ALA A 542 -26.13 -27.21 -17.76
CA ALA A 542 -25.75 -26.56 -16.51
C ALA A 542 -24.27 -26.65 -16.21
N SER A 543 -23.70 -27.82 -16.43
CA SER A 543 -22.27 -28.03 -16.15
C SER A 543 -21.34 -27.25 -17.07
N GLN A 544 -21.83 -26.82 -18.23
CA GLN A 544 -20.99 -26.07 -19.18
C GLN A 544 -21.13 -24.58 -19.07
N LEU A 545 -22.11 -24.13 -18.28
CA LEU A 545 -22.38 -22.70 -18.14
C LEU A 545 -21.14 -22.03 -17.57
N ASP A 546 -20.70 -20.93 -18.21
CA ASP A 546 -19.56 -20.18 -17.70
C ASP A 546 -20.12 -19.05 -16.83
N LEU A 547 -20.15 -19.30 -15.52
CA LEU A 547 -20.69 -18.29 -14.60
C LEU A 547 -19.53 -17.56 -13.96
N SER A 548 -18.37 -17.60 -14.61
CA SER A 548 -17.23 -16.86 -14.08
C SER A 548 -17.64 -15.39 -14.18
N GLY A 549 -17.38 -14.63 -13.14
CA GLY A 549 -17.77 -13.25 -13.16
C GLY A 549 -19.13 -12.98 -12.54
N TRP A 550 -19.98 -14.00 -12.35
CA TRP A 550 -21.32 -13.69 -11.78
C TRP A 550 -21.33 -13.30 -10.28
N PHE A 551 -20.61 -14.07 -9.49
CA PHE A 551 -20.62 -13.87 -8.05
C PHE A 551 -19.17 -13.68 -7.58
N VAL A 552 -18.57 -12.62 -8.08
CA VAL A 552 -17.19 -12.28 -7.73
C VAL A 552 -17.18 -10.97 -6.91
N ALA A 553 -17.89 -9.98 -7.40
CA ALA A 553 -17.90 -8.67 -6.74
C ALA A 553 -19.17 -7.93 -7.07
N GLY A 554 -19.42 -6.84 -6.37
CA GLY A 554 -20.57 -5.96 -6.60
C GLY A 554 -20.17 -4.79 -7.48
N TYR A 555 -21.09 -4.35 -8.34
CA TYR A 555 -20.78 -3.26 -9.23
C TYR A 555 -21.90 -2.25 -9.36
N SER A 556 -22.82 -2.22 -8.40
N SER A 556 -22.83 -2.21 -8.41
CA SER A 556 -23.93 -1.28 -8.56
CA SER A 556 -23.94 -1.27 -8.56
C SER A 556 -23.44 0.17 -8.73
C SER A 556 -23.43 0.16 -8.74
N GLY A 557 -23.97 0.86 -9.75
CA GLY A 557 -23.61 2.23 -10.12
C GLY A 557 -22.32 2.31 -10.94
N GLY A 558 -21.67 1.17 -11.14
CA GLY A 558 -20.35 1.08 -11.77
C GLY A 558 -20.32 0.94 -13.27
N ASP A 559 -21.49 0.94 -13.92
CA ASP A 559 -21.55 0.93 -15.38
C ASP A 559 -20.83 -0.30 -15.95
N ILE A 560 -21.14 -1.47 -15.38
CA ILE A 560 -20.50 -2.74 -15.80
C ILE A 560 -21.42 -3.68 -16.58
N TYR A 561 -20.92 -4.19 -17.71
CA TYR A 561 -21.64 -5.15 -18.54
C TYR A 561 -20.78 -6.41 -18.58
N HIS A 562 -21.37 -7.55 -18.22
CA HIS A 562 -20.58 -8.76 -18.06
C HIS A 562 -20.86 -9.82 -19.10
N SER A 563 -21.67 -9.51 -20.09
CA SER A 563 -21.87 -10.50 -21.13
C SER A 563 -20.80 -10.35 -22.22
N LEU A 564 -20.65 -11.38 -23.04
CA LEU A 564 -19.60 -11.41 -24.05
C LEU A 564 -19.68 -10.34 -25.14
N SER A 565 -18.52 -9.84 -25.53
CA SER A 565 -18.43 -8.86 -26.60
C SER A 565 -18.29 -9.64 -27.92
N ARG A 566 -18.97 -9.19 -28.97
CA ARG A 566 -18.87 -9.87 -30.26
C ARG A 566 -17.58 -9.49 -31.01
N ALA A 567 -16.97 -10.46 -31.69
CA ALA A 567 -15.74 -10.18 -32.45
C ALA A 567 -16.02 -9.10 -33.50
N ARG A 568 -14.97 -8.43 -33.97
CA ARG A 568 -15.13 -7.41 -35.00
C ARG A 568 -14.47 -7.80 -36.32
N SER B 1 17.53 -2.26 -19.10
CA SER B 1 17.97 -1.00 -19.68
C SER B 1 19.37 -0.69 -19.19
N MET B 2 20.01 0.25 -19.88
CA MET B 2 21.36 0.62 -19.52
C MET B 2 21.30 1.49 -18.26
N SER B 3 22.16 1.20 -17.29
CA SER B 3 22.17 1.98 -16.06
C SER B 3 22.39 3.47 -16.33
N TYR B 4 23.27 3.78 -17.30
CA TYR B 4 23.55 5.17 -17.70
C TYR B 4 23.73 5.20 -19.20
N THR B 5 23.42 6.35 -19.79
CA THR B 5 23.74 6.68 -21.19
C THR B 5 24.57 7.97 -21.08
N TRP B 6 25.64 8.08 -21.86
CA TRP B 6 26.51 9.26 -21.75
C TRP B 6 26.56 10.03 -23.08
N THR B 7 26.66 11.36 -22.99
CA THR B 7 26.76 12.22 -24.18
C THR B 7 28.19 12.44 -24.67
N GLY B 8 29.16 12.34 -23.79
CA GLY B 8 30.53 12.70 -24.15
C GLY B 8 31.00 13.92 -23.34
N ALA B 9 30.06 14.72 -22.84
CA ALA B 9 30.44 15.84 -21.96
C ALA B 9 31.08 15.28 -20.69
N LEU B 10 32.10 15.93 -20.18
CA LEU B 10 32.90 15.39 -19.09
C LEU B 10 32.25 15.60 -17.74
N ILE B 11 32.63 14.77 -16.77
CA ILE B 11 32.26 15.02 -15.38
C ILE B 11 33.33 16.01 -14.96
N THR B 12 32.93 17.24 -14.64
CA THR B 12 33.84 18.34 -14.34
C THR B 12 33.88 18.71 -12.87
N PRO B 13 35.02 19.27 -12.41
CA PRO B 13 35.16 19.71 -11.02
C PRO B 13 34.64 21.13 -10.90
N CYS B 14 34.29 21.54 -9.69
CA CYS B 14 33.75 22.89 -9.49
C CYS B 14 34.80 23.82 -8.86
N ALA B 15 35.99 23.27 -8.63
CA ALA B 15 37.11 24.00 -8.06
C ALA B 15 38.35 23.10 -8.11
N ALA B 16 39.50 23.66 -7.72
CA ALA B 16 40.74 22.90 -7.73
C ALA B 16 40.56 21.61 -6.96
N GLU B 17 41.16 20.54 -7.47
CA GLU B 17 41.09 19.21 -6.84
C GLU B 17 42.48 18.80 -6.42
N GLU B 18 42.63 18.44 -5.15
CA GLU B 18 43.90 17.96 -4.63
C GLU B 18 43.89 16.43 -4.69
N SER B 19 45.01 15.84 -5.10
CA SER B 19 45.13 14.39 -5.21
C SER B 19 46.22 13.83 -4.31
N LYS B 20 47.11 14.70 -3.84
CA LYS B 20 48.23 14.27 -3.00
C LYS B 20 48.36 15.08 -1.73
N LEU B 21 49.07 14.53 -0.76
CA LEU B 21 49.33 15.23 0.48
C LEU B 21 50.25 16.40 0.13
N PRO B 22 50.21 17.47 0.93
CA PRO B 22 51.14 18.57 0.72
C PRO B 22 52.34 18.29 1.63
N ILE B 23 53.54 18.63 1.19
CA ILE B 23 54.74 18.39 2.00
C ILE B 23 54.68 19.13 3.35
N ASN B 24 54.37 18.39 4.41
CA ASN B 24 54.25 18.98 5.75
C ASN B 24 54.92 18.15 6.84
N PRO B 25 55.12 18.76 8.03
CA PRO B 25 55.78 18.10 9.15
C PRO B 25 54.81 17.44 10.15
N LEU B 26 53.64 18.05 10.32
CA LEU B 26 52.63 17.53 11.24
C LEU B 26 52.06 16.18 10.79
N SER B 27 51.55 16.14 9.56
CA SER B 27 51.00 14.89 9.03
C SER B 27 52.10 13.84 8.88
N ASN B 28 53.35 14.31 8.91
CA ASN B 28 54.51 13.43 8.78
C ASN B 28 54.77 12.70 10.10
N SER B 29 54.40 13.34 11.19
CA SER B 29 54.52 12.76 12.53
C SER B 29 53.56 11.58 12.64
N LEU B 30 52.56 11.58 11.76
CA LEU B 30 51.57 10.50 11.74
C LEU B 30 51.98 9.37 10.80
N LEU B 31 52.29 9.72 9.56
CA LEU B 31 52.59 8.74 8.53
C LEU B 31 53.69 9.27 7.62
N ARG B 32 54.73 8.48 7.42
CA ARG B 32 55.89 8.94 6.66
C ARG B 32 55.83 8.63 5.17
N HIS B 33 55.14 7.56 4.80
CA HIS B 33 55.04 7.21 3.38
C HIS B 33 53.93 7.98 2.71
N HIS B 34 54.12 9.29 2.62
CA HIS B 34 53.13 10.19 2.02
C HIS B 34 52.72 9.82 0.60
N ASN B 35 53.66 9.24 -0.16
CA ASN B 35 53.40 8.85 -1.54
C ASN B 35 52.35 7.76 -1.67
N MET B 36 52.09 7.04 -0.58
CA MET B 36 51.08 6.00 -0.60
C MET B 36 49.65 6.54 -0.47
N VAL B 37 49.52 7.81 -0.08
CA VAL B 37 48.18 8.38 0.16
C VAL B 37 47.71 9.17 -1.07
N TYR B 38 46.47 8.94 -1.51
CA TYR B 38 45.94 9.70 -2.64
C TYR B 38 44.47 10.02 -2.40
N ALA B 39 43.98 11.03 -3.12
CA ALA B 39 42.54 11.37 -3.10
C ALA B 39 42.04 11.18 -4.52
N THR B 40 40.83 10.67 -4.67
CA THR B 40 40.23 10.50 -6.00
C THR B 40 39.84 11.90 -6.51
N THR B 41 39.85 12.08 -7.82
CA THR B 41 39.49 13.34 -8.47
C THR B 41 38.67 13.01 -9.71
N SER B 42 38.13 14.04 -10.35
CA SER B 42 37.39 13.88 -11.58
C SER B 42 38.22 13.30 -12.72
N ARG B 43 39.53 13.29 -12.54
CA ARG B 43 40.39 12.78 -13.63
C ARG B 43 40.17 11.29 -13.88
N SER B 44 39.65 10.58 -12.88
CA SER B 44 39.37 9.14 -13.07
C SER B 44 37.89 8.87 -13.33
N ALA B 45 37.10 9.91 -13.57
CA ALA B 45 35.66 9.67 -13.79
C ALA B 45 35.35 8.68 -14.90
N SER B 46 36.10 8.74 -16.00
CA SER B 46 35.90 7.85 -17.12
C SER B 46 35.99 6.38 -16.68
N LEU B 47 36.99 6.07 -15.86
CA LEU B 47 37.15 4.69 -15.41
C LEU B 47 35.92 4.27 -14.58
N ARG B 48 35.43 5.20 -13.75
CA ARG B 48 34.22 4.87 -12.96
C ARG B 48 33.02 4.66 -13.86
N GLN B 49 32.86 5.52 -14.85
CA GLN B 49 31.74 5.37 -15.77
C GLN B 49 31.76 3.97 -16.41
N LYS B 50 32.95 3.48 -16.76
CA LYS B 50 33.02 2.15 -17.37
C LYS B 50 32.56 1.05 -16.42
N LYS B 51 32.86 1.22 -15.15
CA LYS B 51 32.48 0.21 -14.16
C LYS B 51 30.98 0.20 -13.92
N VAL B 52 30.36 1.38 -13.93
CA VAL B 52 28.95 1.50 -13.57
C VAL B 52 27.93 1.45 -14.67
N THR B 53 28.40 1.39 -15.91
CA THR B 53 27.52 1.43 -17.07
C THR B 53 27.36 0.04 -17.64
N PHE B 54 26.16 -0.51 -17.49
CA PHE B 54 25.88 -1.84 -18.03
C PHE B 54 24.37 -2.07 -18.16
N ASP B 55 24.01 -3.08 -18.94
CA ASP B 55 22.62 -3.42 -19.18
C ASP B 55 22.19 -4.34 -18.05
N ARG B 56 21.08 -4.02 -17.41
CA ARG B 56 20.63 -4.87 -16.33
C ARG B 56 19.68 -5.87 -16.93
N LEU B 57 19.80 -7.09 -16.45
CA LEU B 57 18.87 -8.13 -16.86
C LEU B 57 18.35 -8.57 -15.47
N GLN B 58 17.07 -8.43 -15.29
CA GLN B 58 16.47 -8.80 -14.03
C GLN B 58 15.26 -9.70 -14.35
N VAL B 59 15.14 -10.79 -13.60
CA VAL B 59 14.03 -11.71 -13.74
C VAL B 59 13.51 -11.97 -12.34
N LEU B 60 12.21 -11.70 -12.14
CA LEU B 60 11.59 -11.86 -10.83
C LEU B 60 10.81 -13.17 -10.77
N ASP B 61 10.80 -13.83 -9.63
CA ASP B 61 10.14 -15.12 -9.48
C ASP B 61 9.21 -15.16 -8.28
N ASP B 62 8.63 -16.33 -8.03
CA ASP B 62 7.68 -16.42 -6.93
C ASP B 62 8.28 -16.14 -5.56
N HIS B 63 9.52 -16.57 -5.30
CA HIS B 63 10.09 -16.27 -4.01
C HIS B 63 10.16 -14.74 -3.82
N TYR B 64 10.61 -14.02 -4.86
CA TYR B 64 10.69 -12.55 -4.74
C TYR B 64 9.31 -11.96 -4.45
N ARG B 65 8.31 -12.39 -5.21
CA ARG B 65 6.96 -11.85 -5.01
C ARG B 65 6.41 -12.17 -3.62
N ASP B 66 6.72 -13.38 -3.14
CA ASP B 66 6.28 -13.80 -1.80
C ASP B 66 6.88 -12.89 -0.73
N VAL B 67 8.20 -12.69 -0.79
CA VAL B 67 8.86 -11.86 0.23
C VAL B 67 8.33 -10.43 0.15
N LEU B 68 8.17 -9.92 -1.07
CA LEU B 68 7.66 -8.57 -1.22
C LEU B 68 6.29 -8.36 -0.52
N LYS B 69 5.40 -9.32 -0.69
CA LYS B 69 4.08 -9.22 -0.05
C LYS B 69 4.25 -9.26 1.47
N GLU B 70 5.17 -10.10 1.96
CA GLU B 70 5.42 -10.15 3.40
C GLU B 70 5.91 -8.77 3.92
N MET B 71 6.79 -8.13 3.14
CA MET B 71 7.33 -6.81 3.53
C MET B 71 6.23 -5.75 3.48
N LYS B 72 5.36 -5.81 2.47
CA LYS B 72 4.28 -4.82 2.34
C LYS B 72 3.28 -4.96 3.49
N ALA B 73 3.02 -6.19 3.93
CA ALA B 73 2.07 -6.39 5.04
C ALA B 73 2.58 -5.70 6.31
N LYS B 74 3.90 -5.75 6.53
CA LYS B 74 4.47 -5.04 7.66
C LYS B 74 4.49 -3.53 7.46
N ALA B 75 4.80 -3.08 6.25
CA ALA B 75 4.77 -1.64 5.95
C ALA B 75 3.38 -1.02 6.17
N SER B 76 2.34 -1.83 5.98
N SER B 76 2.33 -1.84 5.99
CA SER B 76 0.97 -1.35 6.07
CA SER B 76 0.95 -1.39 6.08
C SER B 76 0.57 -0.99 7.50
C SER B 76 0.61 -0.91 7.50
N THR B 77 1.44 -1.26 8.48
CA THR B 77 1.18 -0.87 9.88
C THR B 77 1.67 0.56 10.15
N VAL B 78 2.40 1.14 9.20
CA VAL B 78 3.05 2.44 9.46
C VAL B 78 2.15 3.62 9.14
N LYS B 79 2.21 4.67 9.96
CA LYS B 79 1.48 5.91 9.68
C LYS B 79 2.57 6.97 9.66
N ALA B 80 2.80 7.58 8.50
CA ALA B 80 3.90 8.55 8.40
C ALA B 80 3.39 9.99 8.34
N LYS B 81 4.16 10.91 8.92
CA LYS B 81 3.72 12.27 8.92
C LYS B 81 4.43 13.10 7.88
N LEU B 82 3.76 14.13 7.43
CA LEU B 82 4.36 15.08 6.54
C LEU B 82 5.15 16.04 7.46
N LEU B 83 6.39 16.34 7.12
CA LEU B 83 7.15 17.34 7.91
C LEU B 83 6.78 18.76 7.46
N SER B 84 6.80 19.72 8.38
CA SER B 84 6.55 21.09 7.97
C SER B 84 7.79 21.58 7.26
N ILE B 85 7.64 22.72 6.61
CA ILE B 85 8.79 23.35 5.97
C ILE B 85 9.83 23.65 7.06
N GLU B 86 9.41 24.18 8.22
CA GLU B 86 10.40 24.47 9.26
C GLU B 86 11.17 23.24 9.74
N GLU B 87 10.48 22.12 9.94
CA GLU B 87 11.14 20.89 10.39
C GLU B 87 12.17 20.42 9.36
N ALA B 88 11.76 20.48 8.11
CA ALA B 88 12.64 20.01 7.02
C ALA B 88 13.88 20.92 6.88
N CYS B 89 13.67 22.24 7.01
CA CYS B 89 14.79 23.16 6.92
C CYS B 89 15.80 22.89 8.06
N LYS B 90 15.30 22.57 9.24
CA LYS B 90 16.15 22.31 10.41
C LYS B 90 17.01 21.06 10.23
N LEU B 91 16.58 20.12 9.38
CA LEU B 91 17.38 18.93 9.12
C LEU B 91 18.47 19.15 8.06
N THR B 92 18.54 20.35 7.48
CA THR B 92 19.49 20.62 6.41
C THR B 92 20.85 20.98 7.00
N PRO B 93 21.91 20.29 6.58
CA PRO B 93 23.25 20.66 7.11
C PRO B 93 23.61 22.12 6.75
N PRO B 94 24.27 22.82 7.67
CA PRO B 94 24.70 24.19 7.42
C PRO B 94 25.57 24.40 6.17
N HIS B 95 26.31 23.36 5.75
CA HIS B 95 27.16 23.44 4.59
C HIS B 95 26.70 22.65 3.36
N SER B 96 25.42 22.32 3.35
CA SER B 96 24.82 21.62 2.21
C SER B 96 24.97 22.49 0.96
N ALA B 97 25.05 21.85 -0.21
CA ALA B 97 25.27 22.58 -1.46
C ALA B 97 24.20 23.62 -1.72
N LYS B 98 24.61 24.86 -1.97
CA LYS B 98 23.62 25.91 -2.24
C LYS B 98 22.72 25.58 -3.43
N SER B 99 21.58 26.26 -3.50
CA SER B 99 20.67 26.08 -4.60
C SER B 99 21.15 26.88 -5.82
N LYS B 100 20.73 26.45 -7.02
CA LYS B 100 20.99 27.26 -8.22
C LYS B 100 20.10 28.50 -8.19
N PHE B 101 19.08 28.50 -7.32
CA PHE B 101 18.08 29.59 -7.29
C PHE B 101 18.37 30.74 -6.37
N GLY B 102 19.65 30.91 -6.03
CA GLY B 102 20.09 32.12 -5.33
C GLY B 102 19.95 32.17 -3.84
N TYR B 103 20.00 31.01 -3.20
CA TYR B 103 20.03 30.96 -1.76
C TYR B 103 20.83 29.71 -1.38
N GLY B 104 21.33 29.68 -0.15
CA GLY B 104 22.13 28.57 0.33
C GLY B 104 21.56 27.89 1.55
N ALA B 105 22.32 26.94 2.07
CA ALA B 105 21.84 26.18 3.22
C ALA B 105 21.59 27.03 4.45
N LYS B 106 22.39 28.08 4.67
CA LYS B 106 22.18 28.91 5.86
C LYS B 106 20.84 29.64 5.72
N ASP B 107 20.48 29.98 4.48
CA ASP B 107 19.21 30.64 4.21
C ASP B 107 18.05 29.68 4.47
N VAL B 108 18.22 28.43 4.06
CA VAL B 108 17.20 27.44 4.33
C VAL B 108 17.01 27.34 5.85
N ARG B 109 18.12 27.15 6.57
CA ARG B 109 18.02 26.99 8.04
C ARG B 109 17.44 28.22 8.72
N ASN B 110 17.62 29.39 8.11
CA ASN B 110 17.04 30.64 8.65
C ASN B 110 15.62 30.91 8.13
N LEU B 111 15.09 30.02 7.29
CA LEU B 111 13.78 30.24 6.67
C LEU B 111 13.70 31.58 5.90
N SER B 112 14.73 31.91 5.13
CA SER B 112 14.69 33.16 4.37
C SER B 112 13.53 33.16 3.39
N SER B 113 13.03 34.35 3.06
CA SER B 113 11.94 34.39 2.11
C SER B 113 12.25 33.75 0.75
N ARG B 114 13.45 33.98 0.22
CA ARG B 114 13.77 33.38 -1.08
C ARG B 114 13.84 31.85 -0.97
N ALA B 115 14.49 31.35 0.07
CA ALA B 115 14.59 29.88 0.20
C ALA B 115 13.18 29.29 0.32
N VAL B 116 12.36 29.86 1.19
CA VAL B 116 11.00 29.33 1.38
C VAL B 116 10.17 29.46 0.08
N ASN B 117 10.32 30.56 -0.66
CA ASN B 117 9.57 30.67 -1.91
C ASN B 117 9.97 29.55 -2.85
N HIS B 118 11.26 29.22 -2.88
CA HIS B 118 11.67 28.12 -3.76
C HIS B 118 11.12 26.77 -3.29
N ILE B 119 11.26 26.47 -2.01
CA ILE B 119 10.81 25.20 -1.45
C ILE B 119 9.31 25.03 -1.70
N ARG B 120 8.53 26.09 -1.44
CA ARG B 120 7.09 26.07 -1.71
C ARG B 120 6.82 25.83 -3.20
N SER B 121 7.56 26.51 -4.09
CA SER B 121 7.36 26.32 -5.51
C SER B 121 7.69 24.91 -5.97
N VAL B 122 8.75 24.34 -5.41
CA VAL B 122 9.10 22.96 -5.75
C VAL B 122 8.00 21.98 -5.32
N TRP B 123 7.46 22.20 -4.14
CA TRP B 123 6.40 21.34 -3.63
C TRP B 123 5.16 21.43 -4.50
N GLU B 124 4.73 22.66 -4.81
CA GLU B 124 3.57 22.80 -5.66
C GLU B 124 3.81 22.13 -7.03
N ASP B 125 5.06 22.21 -7.52
CA ASP B 125 5.39 21.61 -8.79
C ASP B 125 5.33 20.07 -8.76
N LEU B 126 5.67 19.47 -7.62
CA LEU B 126 5.55 18.00 -7.48
C LEU B 126 4.07 17.58 -7.55
N LEU B 127 3.16 18.49 -7.20
CA LEU B 127 1.73 18.15 -7.34
C LEU B 127 1.17 18.45 -8.73
N GLU B 128 1.74 19.47 -9.38
CA GLU B 128 1.26 19.90 -10.69
C GLU B 128 1.87 19.15 -11.85
N ASP B 129 3.02 18.53 -11.63
CA ASP B 129 3.70 17.85 -12.70
C ASP B 129 4.15 16.48 -12.21
N THR B 130 3.57 15.47 -12.79
CA THR B 130 3.81 14.08 -12.37
C THR B 130 4.86 13.36 -13.19
N GLU B 131 5.44 14.05 -14.19
CA GLU B 131 6.31 13.36 -15.11
C GLU B 131 7.64 13.95 -15.54
N THR B 132 7.77 15.27 -15.59
CA THR B 132 9.02 15.85 -16.14
C THR B 132 10.23 15.44 -15.31
N PRO B 133 11.25 14.84 -15.94
CA PRO B 133 12.40 14.49 -15.09
C PRO B 133 12.99 15.71 -14.41
N ILE B 134 13.44 15.51 -13.17
CA ILE B 134 14.02 16.56 -12.34
C ILE B 134 15.54 16.57 -12.59
N ASP B 135 16.09 17.76 -12.75
CA ASP B 135 17.51 17.86 -13.04
C ASP B 135 18.35 17.34 -11.87
N THR B 136 19.51 16.79 -12.20
CA THR B 136 20.46 16.40 -11.16
C THR B 136 21.85 16.86 -11.59
N THR B 137 22.72 17.03 -10.59
CA THR B 137 24.14 17.36 -10.84
C THR B 137 24.91 16.06 -10.60
N ILE B 138 25.87 15.79 -11.46
CA ILE B 138 26.78 14.66 -11.26
C ILE B 138 28.18 15.24 -11.00
N MET B 139 28.85 14.72 -9.96
CA MET B 139 30.19 15.17 -9.62
C MET B 139 31.02 13.94 -9.26
N ALA B 140 32.33 14.07 -9.36
CA ALA B 140 33.22 12.98 -8.91
C ALA B 140 33.52 13.26 -7.44
N LYS B 141 33.39 12.22 -6.62
CA LYS B 141 33.57 12.35 -5.20
C LYS B 141 35.06 12.34 -4.87
N SER B 142 35.44 13.13 -3.88
CA SER B 142 36.84 13.18 -3.43
C SER B 142 36.95 12.29 -2.20
N GLU B 143 37.65 11.15 -2.31
CA GLU B 143 37.82 10.29 -1.13
C GLU B 143 39.29 9.90 -1.11
N VAL B 144 39.82 9.76 0.10
CA VAL B 144 41.24 9.41 0.32
C VAL B 144 41.46 7.92 0.60
N PHE B 145 42.46 7.33 -0.06
CA PHE B 145 42.78 5.91 0.15
C PHE B 145 44.29 5.73 0.17
N CYS B 146 44.71 4.52 0.55
CA CYS B 146 46.13 4.14 0.47
C CYS B 146 46.26 3.33 -0.83
N VAL B 147 47.36 3.55 -1.56
CA VAL B 147 47.57 2.84 -2.83
C VAL B 147 47.58 1.34 -2.62
N GLN B 148 47.13 0.60 -3.64
CA GLN B 148 47.07 -0.87 -3.66
C GLN B 148 47.76 -1.62 -2.52
N ARG B 154 44.84 2.25 -8.25
CA ARG B 154 44.04 3.32 -7.67
C ARG B 154 42.55 3.05 -7.88
N LYS B 155 41.74 3.47 -6.92
CA LYS B 155 40.29 3.34 -7.08
C LYS B 155 39.87 4.59 -7.84
N PRO B 156 38.98 4.45 -8.82
CA PRO B 156 38.50 5.64 -9.56
C PRO B 156 37.48 6.35 -8.67
N ALA B 157 37.31 7.66 -8.86
CA ALA B 157 36.35 8.38 -8.04
C ALA B 157 34.95 7.76 -8.16
N ARG B 158 34.16 7.82 -7.07
CA ARG B 158 32.75 7.46 -7.18
C ARG B 158 32.02 8.67 -7.78
N LEU B 159 30.86 8.43 -8.35
CA LEU B 159 30.11 9.52 -8.96
C LEU B 159 28.87 9.81 -8.09
N ILE B 160 28.76 11.04 -7.58
CA ILE B 160 27.59 11.43 -6.78
C ILE B 160 26.58 12.14 -7.66
N VAL B 161 25.29 11.88 -7.41
CA VAL B 161 24.22 12.48 -8.19
C VAL B 161 23.17 13.00 -7.24
N PHE B 162 22.81 14.27 -7.39
CA PHE B 162 21.89 14.89 -6.42
C PHE B 162 21.11 16.01 -7.05
N PRO B 163 19.89 16.25 -6.56
CA PRO B 163 19.03 17.31 -7.08
C PRO B 163 19.27 18.60 -6.30
N ASP B 164 18.62 19.68 -6.74
CA ASP B 164 18.82 21.00 -6.12
C ASP B 164 18.39 20.99 -4.67
N LEU B 165 19.02 21.88 -3.90
CA LEU B 165 18.66 22.08 -2.48
C LEU B 165 17.15 22.19 -2.28
N GLY B 166 16.44 22.92 -3.15
CA GLY B 166 14.99 23.08 -2.93
C GLY B 166 14.25 21.73 -3.00
N VAL B 167 14.70 20.88 -3.92
CA VAL B 167 14.14 19.52 -4.04
C VAL B 167 14.48 18.68 -2.76
N ARG B 168 15.72 18.80 -2.30
CA ARG B 168 16.14 18.04 -1.11
C ARG B 168 15.25 18.36 0.10
N VAL B 169 14.90 19.63 0.28
CA VAL B 169 14.02 20.01 1.39
C VAL B 169 12.66 19.36 1.21
N CYS B 170 12.14 19.38 0.00
CA CYS B 170 10.84 18.74 -0.28
C CYS B 170 10.88 17.22 -0.05
N GLU B 171 11.99 16.58 -0.39
CA GLU B 171 12.09 15.14 -0.13
C GLU B 171 11.91 14.93 1.38
N LYS B 172 12.54 15.78 2.22
CA LYS B 172 12.39 15.62 3.66
C LYS B 172 10.93 15.72 4.05
N MET B 173 10.24 16.78 3.58
CA MET B 173 8.84 16.94 3.96
C MET B 173 8.01 15.71 3.65
N ALA B 174 8.20 15.14 2.47
CA ALA B 174 7.39 13.99 2.06
C ALA B 174 7.79 12.66 2.69
N LEU B 175 9.11 12.48 2.84
CA LEU B 175 9.69 11.17 3.11
C LEU B 175 10.59 10.99 4.32
N TYR B 176 10.91 12.07 5.05
CA TYR B 176 11.82 11.85 6.17
C TYR B 176 11.22 10.87 7.21
N ASP B 177 9.97 11.03 7.57
CA ASP B 177 9.35 10.12 8.56
C ASP B 177 9.29 8.70 8.02
N VAL B 178 8.92 8.56 6.74
CA VAL B 178 8.89 7.25 6.11
C VAL B 178 10.27 6.57 6.22
N VAL B 179 11.31 7.23 5.71
CA VAL B 179 12.61 6.56 5.70
C VAL B 179 13.22 6.36 7.07
N SER B 180 12.67 7.06 8.06
CA SER B 180 13.20 6.93 9.43
C SER B 180 12.48 5.86 10.20
N THR B 181 11.24 5.53 9.83
CA THR B 181 10.45 4.59 10.61
C THR B 181 10.09 3.28 9.89
N LEU B 182 9.87 3.36 8.57
CA LEU B 182 9.47 2.18 7.83
C LEU B 182 10.50 1.03 7.81
N PRO B 183 11.82 1.33 7.70
CA PRO B 183 12.72 0.16 7.60
C PRO B 183 12.66 -0.78 8.79
N GLN B 184 12.64 -0.24 10.00
CA GLN B 184 12.56 -1.15 11.15
C GLN B 184 11.23 -1.85 11.21
N ALA B 185 10.16 -1.16 10.79
CA ALA B 185 8.84 -1.81 10.80
C ALA B 185 8.82 -3.02 9.86
N VAL B 186 9.48 -2.90 8.73
CA VAL B 186 9.49 -3.96 7.72
C VAL B 186 10.50 -5.06 7.98
N MET B 187 11.72 -4.65 8.35
CA MET B 187 12.84 -5.57 8.48
C MET B 187 13.16 -6.01 9.89
N GLY B 188 12.54 -5.37 10.88
CA GLY B 188 12.75 -5.82 12.27
C GLY B 188 14.20 -5.81 12.67
N SER B 189 14.64 -6.89 13.33
CA SER B 189 16.00 -6.92 13.86
C SER B 189 17.09 -6.95 12.79
N SER B 190 16.71 -7.23 11.54
CA SER B 190 17.69 -7.23 10.45
C SER B 190 18.13 -5.84 10.01
N TYR B 191 17.40 -4.80 10.41
CA TYR B 191 17.73 -3.45 9.93
C TYR B 191 18.94 -2.92 10.72
N GLY B 192 20.10 -2.82 10.06
CA GLY B 192 21.32 -2.55 10.78
C GLY B 192 21.43 -1.20 11.47
N PHE B 193 20.75 -0.18 10.92
CA PHE B 193 20.94 1.16 11.44
C PHE B 193 20.28 1.48 12.78
N GLN B 194 19.55 0.51 13.34
CA GLN B 194 18.90 0.76 14.63
C GLN B 194 19.88 0.45 15.76
N TYR B 195 21.08 -0.02 15.43
CA TYR B 195 22.05 -0.47 16.46
C TYR B 195 23.22 0.48 16.71
N SER B 196 23.48 0.77 17.98
CA SER B 196 24.73 1.44 18.33
C SER B 196 25.84 0.38 18.12
N PRO B 197 27.11 0.78 18.24
CA PRO B 197 28.17 -0.21 18.08
C PRO B 197 28.04 -1.43 19.02
N LYS B 198 27.88 -1.19 20.32
CA LYS B 198 27.79 -2.35 21.22
C LYS B 198 26.55 -3.20 20.89
N GLN B 199 25.48 -2.54 20.44
CA GLN B 199 24.27 -3.31 20.10
C GLN B 199 24.46 -4.12 18.82
N ARG B 200 25.26 -3.61 17.88
CA ARG B 200 25.52 -4.36 16.67
C ARG B 200 26.35 -5.58 17.05
N VAL B 201 27.37 -5.39 17.86
CA VAL B 201 28.19 -6.52 18.30
C VAL B 201 27.30 -7.56 18.97
N GLU B 202 26.43 -7.10 19.86
CA GLU B 202 25.55 -8.01 20.58
C GLU B 202 24.67 -8.81 19.63
N PHE B 203 24.09 -8.11 18.65
CA PHE B 203 23.25 -8.79 17.68
C PHE B 203 24.04 -9.87 16.95
N LEU B 204 25.26 -9.52 16.50
CA LEU B 204 26.03 -10.47 15.71
C LEU B 204 26.41 -11.69 16.55
N VAL B 205 26.93 -11.43 17.74
CA VAL B 205 27.35 -12.50 18.64
C VAL B 205 26.16 -13.38 19.05
N ASN B 206 25.04 -12.76 19.46
CA ASN B 206 23.87 -13.54 19.86
C ASN B 206 23.32 -14.36 18.70
N THR B 207 23.27 -13.76 17.52
CA THR B 207 22.78 -14.46 16.34
C THR B 207 23.66 -15.69 16.10
N TRP B 208 24.98 -15.49 16.14
CA TRP B 208 25.94 -16.57 15.93
C TRP B 208 25.71 -17.69 16.97
N LYS B 209 25.58 -17.30 18.23
CA LYS B 209 25.35 -18.25 19.34
C LYS B 209 24.04 -19.02 19.18
N SER B 210 23.04 -18.39 18.57
CA SER B 210 21.70 -18.97 18.43
C SER B 210 21.60 -20.16 17.49
N LYS B 211 22.62 -20.36 16.66
CA LYS B 211 22.63 -21.47 15.70
C LYS B 211 23.32 -22.67 16.32
N LYS B 212 22.84 -23.87 15.98
CA LYS B 212 23.44 -25.11 16.49
C LYS B 212 24.83 -25.27 15.93
N CYS B 213 24.97 -25.04 14.62
CA CYS B 213 26.26 -25.08 13.97
C CYS B 213 26.21 -23.91 12.99
N PRO B 214 26.67 -22.73 13.41
CA PRO B 214 26.55 -21.56 12.52
C PRO B 214 27.48 -21.54 11.32
N MET B 215 27.02 -20.89 10.25
CA MET B 215 27.82 -20.62 9.07
C MET B 215 27.35 -19.21 8.70
N GLY B 216 28.25 -18.37 8.23
CA GLY B 216 27.77 -17.04 7.83
C GLY B 216 28.57 -16.54 6.66
N PHE B 217 28.03 -15.55 5.98
CA PHE B 217 28.78 -14.98 4.89
C PHE B 217 28.37 -13.54 4.68
N SER B 218 29.26 -12.78 4.08
CA SER B 218 28.97 -11.39 3.66
C SER B 218 28.71 -11.54 2.17
N TYR B 219 27.87 -10.66 1.61
CA TYR B 219 27.61 -10.70 0.18
C TYR B 219 27.85 -9.30 -0.34
N ASP B 220 28.83 -9.17 -1.23
CA ASP B 220 29.18 -7.89 -1.87
C ASP B 220 28.53 -7.82 -3.24
N THR B 221 27.66 -6.83 -3.42
CA THR B 221 27.03 -6.64 -4.71
C THR B 221 27.94 -5.70 -5.48
N ARG B 222 28.21 -6.01 -6.74
CA ARG B 222 29.05 -5.16 -7.56
C ARG B 222 28.29 -3.86 -7.87
N CYS B 223 28.83 -2.70 -7.45
CA CYS B 223 28.26 -1.37 -7.81
C CYS B 223 26.76 -1.35 -7.61
N PHE B 224 26.34 -1.65 -6.38
CA PHE B 224 24.91 -1.83 -6.10
C PHE B 224 23.99 -0.76 -6.70
N ASP B 225 24.35 0.53 -6.57
CA ASP B 225 23.45 1.58 -7.09
C ASP B 225 23.13 1.37 -8.57
N SER B 226 24.15 0.96 -9.34
N SER B 226 24.14 0.94 -9.35
CA SER B 226 23.97 0.74 -10.77
CA SER B 226 23.94 0.73 -10.77
C SER B 226 23.11 -0.47 -11.09
C SER B 226 23.08 -0.48 -11.08
N THR B 227 23.04 -1.44 -10.18
CA THR B 227 22.23 -2.65 -10.39
C THR B 227 20.73 -2.42 -10.09
N VAL B 228 20.43 -1.31 -9.41
CA VAL B 228 19.03 -1.02 -9.04
C VAL B 228 18.26 -0.61 -10.27
N THR B 229 17.17 -1.34 -10.53
CA THR B 229 16.38 -1.12 -11.76
C THR B 229 15.20 -0.19 -11.54
N GLU B 230 14.59 0.21 -12.65
CA GLU B 230 13.37 1.01 -12.59
C GLU B 230 12.32 0.21 -11.83
N SER B 231 12.24 -1.10 -12.11
CA SER B 231 11.28 -1.94 -11.38
C SER B 231 11.58 -1.92 -9.87
N ASP B 232 12.85 -2.08 -9.50
CA ASP B 232 13.21 -2.04 -8.07
C ASP B 232 12.75 -0.73 -7.41
N ILE B 233 12.92 0.41 -8.09
CA ILE B 233 12.55 1.72 -7.49
C ILE B 233 11.00 1.89 -7.37
N ARG B 234 10.27 1.31 -8.31
CA ARG B 234 8.80 1.27 -8.24
C ARG B 234 8.30 0.29 -7.18
N VAL B 235 9.02 -0.82 -6.98
CA VAL B 235 8.68 -1.77 -5.92
C VAL B 235 8.91 -1.08 -4.58
N GLU B 236 10.02 -0.38 -4.45
CA GLU B 236 10.29 0.38 -3.24
C GLU B 236 9.14 1.37 -2.99
N GLU B 237 8.74 2.10 -4.04
CA GLU B 237 7.62 3.02 -3.87
C GLU B 237 6.37 2.25 -3.42
N SER B 238 6.14 1.04 -3.96
CA SER B 238 4.94 0.27 -3.55
C SER B 238 4.97 -0.02 -2.08
N ILE B 239 6.16 -0.19 -1.49
CA ILE B 239 6.25 -0.41 -0.06
C ILE B 239 5.89 0.90 0.66
N TYR B 240 6.47 2.03 0.24
CA TYR B 240 6.16 3.32 0.89
C TYR B 240 4.66 3.62 0.82
N GLN B 241 4.02 3.27 -0.29
CA GLN B 241 2.61 3.60 -0.47
C GLN B 241 1.67 2.81 0.44
N CYS B 242 2.20 1.79 1.15
CA CYS B 242 1.39 1.04 2.12
C CYS B 242 1.24 1.86 3.41
N CYS B 243 2.04 2.92 3.57
CA CYS B 243 1.89 3.73 4.78
C CYS B 243 0.60 4.55 4.73
N ASP B 244 0.08 4.92 5.92
CA ASP B 244 -0.96 5.94 5.96
C ASP B 244 -0.21 7.26 5.70
N LEU B 245 -0.64 7.97 4.68
CA LEU B 245 0.03 9.19 4.23
C LEU B 245 -0.94 10.31 3.98
N ALA B 246 -0.48 11.54 4.20
CA ALA B 246 -1.31 12.71 3.80
C ALA B 246 -1.39 12.68 2.29
N PRO B 247 -2.53 13.16 1.72
CA PRO B 247 -2.69 13.09 0.26
C PRO B 247 -1.53 13.76 -0.53
N GLU B 248 -1.07 14.92 -0.07
CA GLU B 248 0.03 15.59 -0.77
C GLU B 248 1.34 14.84 -0.62
N ALA B 249 1.48 14.12 0.50
CA ALA B 249 2.67 13.30 0.70
C ALA B 249 2.62 12.13 -0.29
N ARG B 250 1.44 11.52 -0.44
CA ARG B 250 1.32 10.45 -1.40
C ARG B 250 1.69 10.92 -2.81
N GLN B 251 1.17 12.09 -3.21
CA GLN B 251 1.48 12.62 -4.54
C GLN B 251 2.97 12.98 -4.66
N ALA B 252 3.54 13.59 -3.62
CA ALA B 252 4.96 13.95 -3.70
C ALA B 252 5.80 12.68 -3.87
N ILE B 253 5.42 11.61 -3.17
CA ILE B 253 6.17 10.35 -3.29
C ILE B 253 6.03 9.78 -4.70
N ARG B 254 4.85 9.82 -5.26
CA ARG B 254 4.59 9.32 -6.60
C ARG B 254 5.41 10.14 -7.63
N SER B 255 5.32 11.47 -7.54
CA SER B 255 6.03 12.35 -8.49
C SER B 255 7.53 12.22 -8.30
N LEU B 256 8.01 12.23 -7.06
CA LEU B 256 9.48 12.07 -6.87
C LEU B 256 9.93 10.72 -7.45
N THR B 257 9.13 9.66 -7.26
CA THR B 257 9.54 8.38 -7.79
C THR B 257 9.74 8.48 -9.30
N GLU B 258 8.74 9.01 -10.01
CA GLU B 258 8.83 9.03 -11.47
C GLU B 258 9.76 10.07 -12.04
N ARG B 259 9.90 11.18 -11.33
CA ARG B 259 10.69 12.29 -11.86
C ARG B 259 12.14 12.30 -11.41
N LEU B 260 12.41 11.65 -10.29
CA LEU B 260 13.76 11.72 -9.70
C LEU B 260 14.31 10.35 -9.36
N TYR B 261 13.58 9.60 -8.55
CA TYR B 261 14.21 8.35 -8.08
C TYR B 261 14.52 7.33 -9.16
N ILE B 262 13.60 7.14 -10.11
CA ILE B 262 13.82 6.13 -11.15
C ILE B 262 14.90 6.55 -12.13
N GLY B 263 15.26 7.84 -12.21
CA GLY B 263 16.26 8.23 -13.21
C GLY B 263 16.03 9.66 -13.65
N GLY B 264 16.84 10.12 -14.60
CA GLY B 264 16.75 11.50 -15.04
C GLY B 264 18.08 11.98 -15.60
N PRO B 265 18.07 13.17 -16.21
CA PRO B 265 19.26 13.74 -16.84
C PRO B 265 20.33 14.13 -15.83
N LEU B 266 21.58 14.07 -16.29
CA LEU B 266 22.74 14.35 -15.44
C LEU B 266 23.47 15.56 -16.01
N THR B 267 23.65 16.56 -15.18
CA THR B 267 24.25 17.82 -15.60
C THR B 267 25.55 18.01 -14.86
N ASN B 268 26.60 18.41 -15.56
CA ASN B 268 27.87 18.60 -14.84
C ASN B 268 27.95 19.97 -14.19
N SER B 269 29.07 20.25 -13.52
CA SER B 269 29.25 21.53 -12.83
C SER B 269 29.30 22.72 -13.78
N LYS B 270 29.55 22.46 -15.07
CA LYS B 270 29.57 23.51 -16.10
C LYS B 270 28.20 23.73 -16.71
N GLY B 271 27.19 22.98 -16.27
CA GLY B 271 25.87 23.12 -16.82
C GLY B 271 25.62 22.35 -18.11
N GLN B 272 26.53 21.47 -18.48
CA GLN B 272 26.38 20.69 -19.68
C GLN B 272 25.63 19.39 -19.39
N ASN B 273 24.87 18.90 -20.37
CA ASN B 273 24.21 17.63 -20.23
C ASN B 273 25.21 16.47 -20.45
N CYS B 274 25.43 15.69 -19.39
CA CYS B 274 26.36 14.54 -19.44
C CYS B 274 25.74 13.22 -19.83
N GLY B 275 24.41 13.13 -19.75
CA GLY B 275 23.80 11.85 -20.09
C GLY B 275 22.54 11.63 -19.27
N TYR B 276 22.20 10.38 -19.06
CA TYR B 276 20.93 10.02 -18.38
C TYR B 276 21.18 8.81 -17.50
N ARG B 277 20.54 8.84 -16.33
CA ARG B 277 20.64 7.76 -15.33
C ARG B 277 19.32 6.96 -15.29
N ARG B 278 19.42 5.63 -15.16
CA ARG B 278 18.23 4.77 -15.04
C ARG B 278 18.41 3.81 -13.86
N CYS B 279 19.10 4.31 -12.84
CA CYS B 279 19.42 3.48 -11.65
C CYS B 279 19.41 4.41 -10.43
N ARG B 280 19.89 3.90 -9.30
CA ARG B 280 19.85 4.65 -8.05
C ARG B 280 20.80 5.85 -8.09
N ALA B 281 20.27 7.01 -7.69
CA ALA B 281 21.10 8.20 -7.48
C ALA B 281 21.68 8.11 -6.05
N SER B 282 22.97 8.42 -5.90
CA SER B 282 23.55 8.32 -4.57
C SER B 282 23.06 9.38 -3.59
N GLY B 283 22.71 10.54 -4.11
CA GLY B 283 22.45 11.68 -3.27
C GLY B 283 21.01 12.14 -3.18
N VAL B 284 20.15 11.19 -2.83
CA VAL B 284 18.74 11.51 -2.56
C VAL B 284 18.33 10.92 -1.23
N LEU B 285 17.21 11.42 -0.70
CA LEU B 285 16.83 11.02 0.66
C LEU B 285 16.59 9.54 0.81
N THR B 286 16.02 8.91 -0.22
CA THR B 286 15.63 7.52 -0.15
C THR B 286 16.74 6.51 -0.45
N THR B 287 17.97 6.98 -0.69
CA THR B 287 18.98 6.02 -1.10
C THR B 287 19.30 4.98 -0.03
N SER B 288 19.49 5.42 1.20
CA SER B 288 19.82 4.44 2.23
C SER B 288 18.68 3.44 2.49
N CYS B 289 17.47 3.97 2.69
CA CYS B 289 16.29 3.13 2.96
C CYS B 289 15.96 2.24 1.78
N GLY B 290 15.95 2.83 0.57
CA GLY B 290 15.69 2.10 -0.66
C GLY B 290 16.70 1.01 -0.90
N ASN B 291 18.00 1.31 -0.72
CA ASN B 291 18.98 0.26 -0.95
C ASN B 291 18.81 -0.84 0.07
N THR B 292 18.54 -0.46 1.33
CA THR B 292 18.42 -1.47 2.39
C THR B 292 17.23 -2.38 2.09
N LEU B 293 16.08 -1.80 1.76
CA LEU B 293 14.90 -2.62 1.46
C LEU B 293 15.14 -3.50 0.26
N THR B 294 15.81 -2.96 -0.76
CA THR B 294 16.04 -3.69 -2.02
C THR B 294 16.98 -4.87 -1.78
N CYS B 295 18.06 -4.59 -1.06
CA CYS B 295 19.02 -5.63 -0.73
C CYS B 295 18.34 -6.70 0.15
N TYR B 296 17.62 -6.29 1.17
CA TYR B 296 16.88 -7.24 2.03
C TYR B 296 15.89 -8.10 1.23
N LEU B 297 15.12 -7.49 0.35
CA LEU B 297 14.15 -8.22 -0.45
C LEU B 297 14.87 -9.28 -1.30
N LYS B 298 15.84 -8.83 -2.09
CA LYS B 298 16.50 -9.76 -3.01
C LYS B 298 17.17 -10.86 -2.22
N ALA B 299 17.86 -10.51 -1.14
CA ALA B 299 18.57 -11.52 -0.34
C ALA B 299 17.62 -12.50 0.34
N THR B 300 16.54 -11.99 0.92
CA THR B 300 15.64 -12.91 1.62
C THR B 300 15.08 -13.92 0.63
N ALA B 301 14.68 -13.42 -0.53
CA ALA B 301 14.18 -14.28 -1.60
C ALA B 301 15.23 -15.25 -2.09
N ALA B 302 16.47 -14.77 -2.29
CA ALA B 302 17.56 -15.65 -2.73
C ALA B 302 17.89 -16.73 -1.71
N CYS B 303 17.78 -16.42 -0.42
CA CYS B 303 18.03 -17.43 0.64
C CYS B 303 17.01 -18.57 0.48
N ARG B 304 15.77 -18.23 0.16
CA ARG B 304 14.76 -19.27 -0.06
C ARG B 304 15.09 -20.08 -1.29
N ALA B 305 15.46 -19.42 -2.39
CA ALA B 305 15.77 -20.15 -3.63
C ALA B 305 16.96 -21.08 -3.41
N ALA B 306 17.90 -20.64 -2.58
CA ALA B 306 19.15 -21.38 -2.30
C ALA B 306 18.97 -22.51 -1.26
N LYS B 307 17.86 -22.49 -0.54
CA LYS B 307 17.63 -23.49 0.49
C LYS B 307 18.60 -23.34 1.67
N LEU B 308 18.98 -22.11 1.97
CA LEU B 308 19.82 -21.85 3.14
C LEU B 308 18.84 -21.97 4.29
N GLN B 309 19.27 -22.52 5.41
CA GLN B 309 18.37 -22.75 6.53
C GLN B 309 18.56 -21.80 7.69
N ASP B 310 17.43 -21.42 8.30
CA ASP B 310 17.42 -20.63 9.54
C ASP B 310 18.31 -19.41 9.40
N CYS B 311 18.12 -18.67 8.31
CA CYS B 311 18.92 -17.46 8.05
C CYS B 311 18.47 -16.29 8.89
N THR B 312 19.47 -15.49 9.29
CA THR B 312 19.25 -14.24 10.01
C THR B 312 20.11 -13.24 9.25
N MET B 313 19.50 -12.21 8.67
CA MET B 313 20.28 -11.23 7.92
C MET B 313 20.52 -9.96 8.72
N LEU B 314 21.57 -9.23 8.35
CA LEU B 314 21.85 -7.92 8.92
C LEU B 314 22.22 -7.04 7.74
N VAL B 315 21.34 -6.07 7.43
CA VAL B 315 21.50 -5.26 6.22
C VAL B 315 21.60 -3.76 6.55
N ASN B 316 22.54 -3.09 5.90
CA ASN B 316 22.74 -1.63 6.06
C ASN B 316 23.02 -1.16 4.63
N GLY B 317 22.04 -0.56 3.96
CA GLY B 317 22.29 -0.10 2.58
C GLY B 317 22.51 -1.32 1.68
N ASP B 318 23.60 -1.28 0.92
CA ASP B 318 23.99 -2.40 0.06
C ASP B 318 24.86 -3.44 0.78
N ASP B 319 25.07 -3.26 2.08
CA ASP B 319 25.96 -4.15 2.85
C ASP B 319 25.14 -5.23 3.52
N LEU B 320 25.49 -6.50 3.27
CA LEU B 320 24.69 -7.59 3.74
C LEU B 320 25.48 -8.72 4.37
N VAL B 321 25.04 -9.19 5.52
CA VAL B 321 25.66 -10.38 6.12
C VAL B 321 24.53 -11.34 6.49
N VAL B 322 24.77 -12.65 6.30
CA VAL B 322 23.74 -13.66 6.54
C VAL B 322 24.36 -14.69 7.48
N ILE B 323 23.66 -15.04 8.55
CA ILE B 323 24.16 -16.05 9.48
C ILE B 323 23.08 -17.13 9.48
N CYS B 324 23.47 -18.37 9.20
CA CYS B 324 22.47 -19.41 9.13
C CYS B 324 22.90 -20.71 9.80
N GLU B 325 22.08 -21.73 9.63
CA GLU B 325 22.36 -23.04 10.20
C GLU B 325 23.17 -23.86 9.15
N SER B 326 24.37 -24.30 9.50
CA SER B 326 25.20 -25.06 8.57
C SER B 326 24.55 -26.38 8.21
N ALA B 327 24.73 -26.80 6.95
CA ALA B 327 24.26 -28.11 6.49
C ALA B 327 25.48 -28.94 6.08
N GLY B 328 26.66 -28.56 6.54
CA GLY B 328 27.88 -29.24 6.16
C GLY B 328 28.59 -28.38 5.13
N THR B 329 29.90 -28.54 5.04
CA THR B 329 30.71 -27.72 4.16
C THR B 329 30.32 -27.78 2.69
N GLN B 330 30.15 -28.99 2.16
CA GLN B 330 29.83 -29.15 0.73
C GLN B 330 28.47 -28.54 0.41
N GLU B 331 27.50 -28.87 1.25
CA GLU B 331 26.14 -28.39 1.07
C GLU B 331 26.09 -26.85 1.19
N ASP B 332 26.82 -26.30 2.17
CA ASP B 332 26.82 -24.86 2.40
C ASP B 332 27.36 -24.15 1.17
N ALA B 333 28.45 -24.69 0.63
CA ALA B 333 29.11 -24.11 -0.52
C ALA B 333 28.17 -24.12 -1.73
N ALA B 334 27.43 -25.20 -1.90
CA ALA B 334 26.51 -25.34 -3.01
C ALA B 334 25.34 -24.37 -2.81
N ALA B 335 24.87 -24.25 -1.58
CA ALA B 335 23.74 -23.35 -1.30
C ALA B 335 24.18 -21.90 -1.58
N LEU B 336 25.40 -21.53 -1.15
CA LEU B 336 25.86 -20.17 -1.41
C LEU B 336 26.03 -19.92 -2.92
N ARG B 337 26.45 -20.93 -3.68
CA ARG B 337 26.49 -20.77 -5.14
C ARG B 337 25.08 -20.47 -5.67
N ALA B 338 24.06 -21.20 -5.15
CA ALA B 338 22.69 -21.01 -5.60
C ALA B 338 22.20 -19.62 -5.24
N PHE B 339 22.56 -19.16 -4.04
CA PHE B 339 22.18 -17.84 -3.53
C PHE B 339 22.72 -16.76 -4.49
N THR B 340 23.99 -16.92 -4.86
CA THR B 340 24.64 -15.98 -5.79
C THR B 340 23.99 -15.97 -7.15
N GLU B 341 23.61 -17.15 -7.68
CA GLU B 341 22.97 -17.17 -8.99
C GLU B 341 21.59 -16.47 -8.88
N ALA B 342 20.91 -16.66 -7.75
CA ALA B 342 19.59 -16.04 -7.58
C ALA B 342 19.73 -14.53 -7.46
N MET B 343 20.68 -14.09 -6.67
CA MET B 343 20.90 -12.63 -6.55
C MET B 343 21.24 -12.04 -7.91
N THR B 344 22.01 -12.78 -8.70
CA THR B 344 22.37 -12.29 -10.02
C THR B 344 21.13 -12.09 -10.89
N ARG B 345 20.24 -13.09 -10.93
CA ARG B 345 19.02 -12.96 -11.70
C ARG B 345 18.18 -11.79 -11.25
N TYR B 346 18.21 -11.48 -9.96
CA TYR B 346 17.46 -10.35 -9.41
C TYR B 346 18.16 -9.01 -9.65
N SER B 347 19.27 -9.01 -10.39
CA SER B 347 20.01 -7.79 -10.63
C SER B 347 20.74 -7.29 -9.38
N ALA B 348 21.47 -8.22 -8.74
CA ALA B 348 22.35 -7.91 -7.63
C ALA B 348 23.57 -8.86 -7.78
N PRO B 349 24.27 -8.76 -8.91
CA PRO B 349 25.43 -9.61 -9.18
C PRO B 349 26.53 -9.34 -8.18
N PRO B 350 27.39 -10.33 -7.93
CA PRO B 350 28.45 -10.22 -6.95
C PRO B 350 29.67 -9.41 -7.38
N GLY B 351 30.31 -8.79 -6.38
CA GLY B 351 31.59 -8.13 -6.56
C GLY B 351 32.59 -9.19 -6.08
N ASP B 352 33.11 -9.00 -4.88
CA ASP B 352 33.96 -10.04 -4.31
C ASP B 352 33.14 -11.34 -4.25
N PRO B 353 33.75 -12.48 -4.56
CA PRO B 353 32.93 -13.68 -4.46
C PRO B 353 32.60 -14.08 -3.01
N PRO B 354 31.33 -14.48 -2.73
CA PRO B 354 31.00 -14.81 -1.34
C PRO B 354 31.60 -16.15 -0.97
N GLN B 355 31.93 -16.30 0.31
CA GLN B 355 32.50 -17.55 0.82
C GLN B 355 31.84 -17.89 2.17
N PRO B 356 31.54 -19.18 2.42
CA PRO B 356 31.01 -19.48 3.74
C PRO B 356 32.13 -19.41 4.78
N GLU B 357 31.78 -18.94 5.98
CA GLU B 357 32.75 -18.88 7.08
C GLU B 357 32.16 -19.56 8.31
N TYR B 358 33.00 -20.18 9.12
CA TYR B 358 32.54 -20.89 10.31
C TYR B 358 33.15 -20.30 11.58
N ASP B 359 33.76 -19.13 11.43
CA ASP B 359 34.35 -18.36 12.55
C ASP B 359 33.78 -16.95 12.39
N LEU B 360 33.05 -16.47 13.40
CA LEU B 360 32.40 -15.15 13.32
C LEU B 360 33.40 -14.02 13.09
N GLU B 361 34.62 -14.19 13.57
CA GLU B 361 35.64 -13.15 13.43
C GLU B 361 36.11 -12.98 12.00
N LEU B 362 35.83 -13.98 11.17
CA LEU B 362 36.30 -13.94 9.79
C LEU B 362 35.29 -13.32 8.84
N ILE B 363 34.15 -12.90 9.37
CA ILE B 363 33.14 -12.32 8.53
C ILE B 363 33.31 -10.82 8.62
N THR B 364 33.32 -10.15 7.47
CA THR B 364 33.41 -8.70 7.44
C THR B 364 32.05 -8.12 7.04
N SER B 365 31.51 -7.19 7.84
CA SER B 365 30.23 -6.51 7.50
C SER B 365 30.41 -5.04 7.87
N CYS B 366 29.99 -4.14 6.98
N CYS B 366 29.98 -4.16 6.98
CA CYS B 366 30.27 -2.72 7.19
CA CYS B 366 30.30 -2.74 7.08
C CYS B 366 31.79 -2.58 7.37
C CYS B 366 31.79 -2.58 7.35
N SER B 367 32.55 -3.34 6.57
CA SER B 367 34.03 -3.31 6.62
C SER B 367 34.64 -3.65 7.97
N SER B 368 33.83 -4.23 8.85
CA SER B 368 34.27 -4.50 10.20
C SER B 368 34.12 -5.96 10.59
N ASN B 369 34.93 -6.40 11.54
CA ASN B 369 34.83 -7.77 12.03
C ASN B 369 34.82 -7.77 13.56
N VAL B 370 34.15 -8.76 14.14
CA VAL B 370 34.09 -8.91 15.59
C VAL B 370 35.46 -9.41 16.05
N SER B 371 35.96 -8.82 17.12
CA SER B 371 37.21 -9.32 17.69
C SER B 371 37.03 -9.35 19.18
N VAL B 372 37.95 -9.98 19.90
CA VAL B 372 37.79 -10.00 21.34
C VAL B 372 38.99 -9.48 22.09
N ALA B 373 38.72 -8.79 23.19
CA ALA B 373 39.74 -8.28 24.08
C ALA B 373 39.28 -8.57 25.50
N HIS B 374 40.04 -8.10 26.49
CA HIS B 374 39.64 -8.30 27.87
C HIS B 374 39.57 -6.99 28.63
N ASP B 375 38.61 -6.85 29.55
CA ASP B 375 38.55 -5.62 30.31
C ASP B 375 39.50 -5.71 31.52
N ALA B 376 39.49 -4.71 32.37
CA ALA B 376 40.44 -4.69 33.49
C ALA B 376 40.34 -5.89 34.45
N SER B 377 39.23 -6.63 34.38
CA SER B 377 39.02 -7.81 35.24
C SER B 377 39.25 -9.12 34.50
N GLY B 378 39.66 -9.06 33.24
CA GLY B 378 39.90 -10.28 32.49
C GLY B 378 38.64 -10.79 31.81
N LYS B 379 37.58 -10.02 31.93
CA LYS B 379 36.31 -10.35 31.28
C LYS B 379 36.44 -10.18 29.75
N ARG B 380 35.99 -11.19 29.00
CA ARG B 380 36.02 -11.13 27.54
C ARG B 380 35.00 -10.07 27.09
N VAL B 381 35.44 -9.21 26.18
CA VAL B 381 34.59 -8.15 25.62
C VAL B 381 34.71 -8.26 24.11
N TYR B 382 33.58 -8.34 23.42
CA TYR B 382 33.56 -8.40 21.96
C TYR B 382 33.40 -6.99 21.45
N TYR B 383 34.08 -6.67 20.36
CA TYR B 383 33.96 -5.32 19.81
C TYR B 383 34.20 -5.38 18.33
N LEU B 384 33.80 -4.32 17.59
CA LEU B 384 34.05 -4.34 16.15
C LEU B 384 35.30 -3.56 15.81
N THR B 385 36.06 -4.09 14.87
CA THR B 385 37.25 -3.41 14.40
C THR B 385 37.31 -3.54 12.89
N ARG B 386 38.35 -2.95 12.31
CA ARG B 386 38.52 -2.99 10.87
C ARG B 386 39.98 -2.76 10.56
N ASP B 387 40.35 -3.06 9.33
CA ASP B 387 41.69 -2.73 8.88
C ASP B 387 41.83 -1.20 8.99
N PRO B 388 42.86 -0.72 9.68
CA PRO B 388 42.93 0.72 9.89
C PRO B 388 43.58 1.52 8.76
N THR B 389 43.88 0.88 7.63
CA THR B 389 44.59 1.60 6.55
C THR B 389 43.85 2.87 6.08
N THR B 390 42.60 2.70 5.69
CA THR B 390 41.84 3.86 5.20
C THR B 390 41.67 4.91 6.28
N PRO B 391 41.25 4.48 7.50
CA PRO B 391 41.15 5.51 8.53
C PRO B 391 42.45 6.29 8.78
N LEU B 392 43.58 5.59 8.76
CA LEU B 392 44.85 6.27 8.98
C LEU B 392 45.27 7.17 7.81
N ALA B 393 45.03 6.72 6.58
CA ALA B 393 45.35 7.56 5.42
C ALA B 393 44.48 8.82 5.43
N ARG B 394 43.21 8.67 5.78
CA ARG B 394 42.33 9.84 5.85
C ARG B 394 42.71 10.77 7.00
N ALA B 395 43.16 10.21 8.12
CA ALA B 395 43.57 11.02 9.25
C ALA B 395 44.81 11.85 8.87
N ALA B 396 45.72 11.26 8.10
CA ALA B 396 46.93 11.98 7.66
C ALA B 396 46.47 13.14 6.77
N TRP B 397 45.55 12.84 5.84
CA TRP B 397 45.04 13.88 4.95
C TRP B 397 44.45 15.03 5.75
N GLU B 398 43.59 14.70 6.71
CA GLU B 398 42.87 15.69 7.52
C GLU B 398 43.78 16.50 8.40
N THR B 399 44.94 15.94 8.71
CA THR B 399 45.95 16.64 9.51
C THR B 399 46.62 17.71 8.65
N ALA B 400 46.84 17.40 7.36
CA ALA B 400 47.54 18.29 6.41
C ALA B 400 46.65 19.29 5.66
N ARG B 401 45.41 18.90 5.41
CA ARG B 401 44.48 19.74 4.65
C ARG B 401 43.15 19.83 5.39
N HIS B 402 42.55 21.02 5.40
CA HIS B 402 41.25 21.16 6.06
C HIS B 402 40.20 20.47 5.19
N THR B 403 39.33 19.69 5.83
CA THR B 403 38.30 18.98 5.09
C THR B 403 36.92 19.24 5.69
N PRO B 404 35.87 19.09 4.88
CA PRO B 404 34.57 19.41 5.48
C PRO B 404 34.15 18.44 6.60
N ILE B 405 34.32 17.14 6.37
CA ILE B 405 33.95 16.14 7.37
C ILE B 405 35.20 15.55 7.98
N ASN B 406 35.25 15.44 9.31
CA ASN B 406 36.42 14.89 9.99
C ASN B 406 36.25 13.39 10.20
N SER B 407 36.77 12.60 9.27
CA SER B 407 36.60 11.16 9.38
C SER B 407 37.30 10.65 10.63
N TRP B 408 38.38 11.31 11.06
CA TRP B 408 39.04 10.82 12.28
C TRP B 408 38.13 10.84 13.50
N LEU B 409 37.26 11.84 13.58
CA LEU B 409 36.37 11.96 14.72
C LEU B 409 35.28 10.88 14.68
N GLY B 410 34.71 10.65 13.51
CA GLY B 410 33.73 9.59 13.34
C GLY B 410 34.37 8.25 13.66
N ASN B 411 35.62 8.06 13.22
CA ASN B 411 36.32 6.81 13.51
C ASN B 411 36.61 6.59 14.99
N ILE B 412 36.99 7.63 15.70
CA ILE B 412 37.18 7.48 17.15
C ILE B 412 35.85 7.13 17.80
N ILE B 413 34.77 7.77 17.37
CA ILE B 413 33.46 7.46 17.94
C ILE B 413 33.03 6.04 17.68
N MET B 414 33.15 5.56 16.44
CA MET B 414 32.63 4.25 16.10
C MET B 414 33.56 3.09 16.43
N TYR B 415 34.85 3.39 16.50
CA TYR B 415 35.88 2.36 16.75
C TYR B 415 36.66 2.69 18.03
N ALA B 416 36.02 3.36 18.96
CA ALA B 416 36.69 3.71 20.23
C ALA B 416 37.36 2.54 20.99
N PRO B 417 36.78 1.33 20.96
CA PRO B 417 37.46 0.26 21.71
C PRO B 417 38.75 -0.31 21.05
N THR B 418 39.00 0.07 19.81
CA THR B 418 40.06 -0.56 19.05
C THR B 418 41.42 -0.06 19.51
N LEU B 419 42.41 -0.90 19.27
CA LEU B 419 43.79 -0.59 19.66
C LEU B 419 44.31 0.58 18.83
N TRP B 420 43.93 0.64 17.55
CA TRP B 420 44.39 1.71 16.65
C TRP B 420 43.69 3.06 16.92
N ALA B 421 42.38 3.02 17.21
CA ALA B 421 41.73 4.30 17.44
C ALA B 421 42.22 4.89 18.74
N ARG B 422 42.47 4.05 19.74
CA ARG B 422 42.88 4.52 21.05
C ARG B 422 44.32 5.01 21.07
N MET B 423 45.21 4.15 20.61
CA MET B 423 46.64 4.49 20.70
C MET B 423 47.12 5.52 19.70
N ILE B 424 46.50 5.52 18.51
CA ILE B 424 46.94 6.42 17.46
C ILE B 424 46.03 7.61 17.26
N LEU B 425 44.77 7.36 16.92
CA LEU B 425 43.92 8.50 16.61
C LEU B 425 43.69 9.44 17.79
N MET B 426 43.35 8.87 18.94
CA MET B 426 43.10 9.71 20.10
C MET B 426 44.37 10.48 20.45
N THR B 427 45.50 9.77 20.53
CA THR B 427 46.75 10.44 20.90
C THR B 427 47.07 11.59 19.95
N HIS B 428 47.09 11.27 18.67
CA HIS B 428 47.45 12.22 17.63
C HIS B 428 46.58 13.46 17.64
N PHE B 429 45.25 13.27 17.57
CA PHE B 429 44.37 14.43 17.50
C PHE B 429 44.22 15.20 18.80
N PHE B 430 44.26 14.50 19.92
CA PHE B 430 44.18 15.25 21.18
C PHE B 430 45.43 16.13 21.39
N SER B 431 46.58 15.64 20.93
CA SER B 431 47.82 16.42 21.02
C SER B 431 47.69 17.71 20.21
N ILE B 432 47.17 17.60 18.99
CA ILE B 432 47.00 18.72 18.09
C ILE B 432 45.98 19.71 18.66
N LEU B 433 44.81 19.20 19.05
CA LEU B 433 43.76 20.08 19.58
C LEU B 433 44.21 20.80 20.84
N LEU B 434 44.97 20.11 21.68
CA LEU B 434 45.48 20.71 22.91
C LEU B 434 46.38 21.89 22.56
N ALA B 435 47.31 21.66 21.63
CA ALA B 435 48.28 22.68 21.23
C ALA B 435 47.61 23.92 20.65
N GLN B 436 46.53 23.67 19.92
CA GLN B 436 45.77 24.71 19.24
C GLN B 436 44.69 25.32 20.14
N GLU B 437 44.51 24.76 21.32
CA GLU B 437 43.47 25.23 22.24
C GLU B 437 42.08 25.11 21.60
N GLN B 438 41.87 23.98 20.93
CA GLN B 438 40.62 23.73 20.21
C GLN B 438 39.84 22.50 20.68
N LEU B 439 40.12 21.98 21.88
CA LEU B 439 39.40 20.81 22.35
C LEU B 439 37.90 21.04 22.42
N GLY B 440 37.48 22.26 22.74
CA GLY B 440 36.07 22.54 22.90
C GLY B 440 35.35 23.08 21.67
N LYS B 441 36.01 23.02 20.51
CA LYS B 441 35.41 23.49 19.26
C LYS B 441 34.69 22.33 18.57
N ALA B 442 33.40 22.49 18.30
CA ALA B 442 32.62 21.44 17.64
C ALA B 442 33.09 21.21 16.21
N LEU B 443 33.20 19.93 15.82
CA LEU B 443 33.69 19.57 14.50
C LEU B 443 32.62 18.67 13.87
N ASP B 444 32.53 18.73 12.55
CA ASP B 444 31.54 17.94 11.85
C ASP B 444 32.06 16.54 11.59
N CYS B 445 31.20 15.56 11.79
CA CYS B 445 31.51 14.17 11.50
C CYS B 445 30.22 13.49 11.05
N GLN B 446 30.30 12.22 10.61
CA GLN B 446 29.11 11.54 10.11
C GLN B 446 28.92 10.21 10.83
N ILE B 447 27.69 9.96 11.27
CA ILE B 447 27.37 8.71 11.96
C ILE B 447 26.13 8.16 11.24
N TYR B 448 26.29 6.98 10.64
CA TYR B 448 25.23 6.37 9.87
C TYR B 448 24.70 7.37 8.81
N GLY B 449 25.60 8.08 8.16
CA GLY B 449 25.21 8.98 7.08
C GLY B 449 24.77 10.38 7.47
N ALA B 450 24.39 10.58 8.72
CA ALA B 450 23.91 11.90 9.15
C ALA B 450 25.06 12.71 9.71
N CYS B 451 24.96 14.01 9.56
N CYS B 451 24.96 14.01 9.55
CA CYS B 451 26.00 14.91 10.00
CA CYS B 451 26.01 14.93 10.01
C CYS B 451 25.75 15.37 11.44
C CYS B 451 25.75 15.36 11.44
N TYR B 452 26.79 15.32 12.27
CA TYR B 452 26.71 15.75 13.67
C TYR B 452 27.86 16.74 13.89
N SER B 453 27.65 17.69 14.79
CA SER B 453 28.68 18.64 15.16
C SER B 453 29.02 18.33 16.64
N ILE B 454 30.19 17.74 16.83
CA ILE B 454 30.59 17.20 18.14
C ILE B 454 31.89 17.83 18.65
N GLU B 455 31.91 18.15 19.94
CA GLU B 455 33.12 18.69 20.57
C GLU B 455 33.96 17.53 21.06
N PRO B 456 35.26 17.56 20.75
CA PRO B 456 36.09 16.44 21.21
C PRO B 456 36.03 16.23 22.73
N LEU B 457 35.83 17.32 23.49
CA LEU B 457 35.75 17.21 24.94
C LEU B 457 34.58 16.36 25.45
N ASP B 458 33.62 16.05 24.57
CA ASP B 458 32.46 15.24 24.97
C ASP B 458 32.63 13.75 24.61
N LEU B 459 33.78 13.42 24.01
CA LEU B 459 34.04 12.06 23.59
C LEU B 459 33.90 10.99 24.67
N PRO B 460 34.39 11.27 25.89
CA PRO B 460 34.28 10.16 26.86
C PRO B 460 32.85 9.68 27.14
N GLN B 461 31.90 10.59 27.40
CA GLN B 461 30.51 10.18 27.65
C GLN B 461 29.90 9.55 26.38
N ILE B 462 30.28 10.03 25.21
CA ILE B 462 29.75 9.42 23.97
C ILE B 462 30.23 7.97 23.87
N ILE B 463 31.52 7.76 24.11
CA ILE B 463 32.10 6.42 24.00
C ILE B 463 31.48 5.49 25.03
N GLU B 464 31.32 5.98 26.26
CA GLU B 464 30.71 5.13 27.28
C GLU B 464 29.32 4.65 26.86
N ARG B 465 28.52 5.53 26.24
CA ARG B 465 27.18 5.13 25.84
C ARG B 465 27.20 4.18 24.66
N LEU B 466 28.08 4.43 23.69
CA LEU B 466 28.08 3.62 22.49
C LEU B 466 28.73 2.26 22.67
N HIS B 467 29.68 2.19 23.60
CA HIS B 467 30.51 1.01 23.73
C HIS B 467 30.57 0.40 25.11
N GLY B 468 30.16 1.16 26.11
CA GLY B 468 30.28 0.68 27.48
C GLY B 468 31.63 1.10 28.07
N LEU B 469 31.65 1.18 29.40
CA LEU B 469 32.84 1.59 30.14
C LEU B 469 34.09 0.77 29.77
N SER B 470 33.89 -0.50 29.39
CA SER B 470 35.02 -1.35 29.05
C SER B 470 35.90 -0.77 27.95
N ALA B 471 35.35 0.10 27.09
CA ALA B 471 36.14 0.67 26.00
C ALA B 471 37.41 1.40 26.49
N PHE B 472 37.43 1.78 27.77
CA PHE B 472 38.54 2.53 28.35
C PHE B 472 39.51 1.62 29.08
N THR B 473 39.23 0.31 29.12
CA THR B 473 40.11 -0.62 29.85
C THR B 473 40.49 -1.87 29.08
N LEU B 474 40.10 -1.93 27.81
CA LEU B 474 40.44 -3.11 27.04
C LEU B 474 41.95 -3.30 26.94
N HIS B 475 42.36 -4.56 27.00
CA HIS B 475 43.75 -4.95 26.82
C HIS B 475 43.74 -6.43 26.38
N SER B 476 44.91 -7.02 26.24
CA SER B 476 45.02 -8.40 25.78
C SER B 476 44.23 -8.60 24.46
N TYR B 477 44.55 -7.77 23.47
CA TYR B 477 43.94 -7.85 22.15
C TYR B 477 44.41 -9.11 21.47
N SER B 478 43.72 -9.54 20.42
CA SER B 478 44.07 -10.80 19.74
C SER B 478 45.34 -10.67 18.89
N PRO B 479 46.07 -11.79 18.72
CA PRO B 479 47.30 -11.71 17.92
C PRO B 479 47.02 -11.30 16.48
N GLY B 480 45.93 -11.81 15.92
CA GLY B 480 45.52 -11.45 14.57
C GLY B 480 45.27 -9.96 14.46
N GLU B 481 44.58 -9.38 15.44
CA GLU B 481 44.32 -7.92 15.43
C GLU B 481 45.61 -7.11 15.61
N ILE B 482 46.46 -7.52 16.55
CA ILE B 482 47.71 -6.81 16.76
C ILE B 482 48.55 -6.88 15.48
N ASN B 483 48.61 -8.07 14.89
CA ASN B 483 49.41 -8.24 13.68
C ASN B 483 48.88 -7.38 12.54
N ARG B 484 47.56 -7.34 12.37
CA ARG B 484 46.96 -6.54 11.29
C ARG B 484 47.29 -5.07 11.47
N VAL B 485 47.18 -4.59 12.69
CA VAL B 485 47.51 -3.20 12.95
C VAL B 485 48.99 -2.93 12.71
N ALA B 486 49.86 -3.74 13.33
CA ALA B 486 51.30 -3.56 13.16
C ALA B 486 51.69 -3.55 11.70
N SER B 487 51.12 -4.46 10.91
CA SER B 487 51.41 -4.54 9.49
C SER B 487 50.99 -3.27 8.76
N CYS B 488 49.79 -2.78 9.06
CA CYS B 488 49.32 -1.54 8.44
C CYS B 488 50.26 -0.40 8.77
N LEU B 489 50.67 -0.31 10.03
CA LEU B 489 51.56 0.78 10.42
C LEU B 489 52.86 0.73 9.62
N ARG B 490 53.43 -0.45 9.45
CA ARG B 490 54.66 -0.60 8.65
C ARG B 490 54.44 -0.19 7.20
N LYS B 491 53.33 -0.62 6.63
CA LYS B 491 52.98 -0.28 5.25
C LYS B 491 52.90 1.23 5.06
N LEU B 492 52.25 1.93 5.99
CA LEU B 492 52.07 3.38 5.88
C LEU B 492 53.21 4.22 6.42
N GLY B 493 54.09 3.63 7.23
CA GLY B 493 55.15 4.40 7.84
C GLY B 493 54.69 5.18 9.05
N VAL B 494 53.72 4.60 9.77
CA VAL B 494 53.24 5.20 11.01
C VAL B 494 54.14 4.69 12.11
N PRO B 495 54.54 5.55 13.07
CA PRO B 495 55.40 5.02 14.13
C PRO B 495 54.75 3.86 14.89
N PRO B 496 55.55 2.89 15.35
CA PRO B 496 55.01 1.71 16.04
C PRO B 496 54.23 2.02 17.31
N LEU B 497 53.27 1.16 17.64
CA LEU B 497 52.40 1.36 18.79
C LEU B 497 53.10 1.82 20.06
N ARG B 498 54.21 1.18 20.39
CA ARG B 498 54.93 1.54 21.61
C ARG B 498 55.34 3.01 21.72
N THR B 499 55.68 3.63 20.59
CA THR B 499 56.06 5.04 20.62
C THR B 499 54.86 5.95 20.95
N TRP B 500 53.66 5.49 20.63
CA TRP B 500 52.47 6.29 20.90
C TRP B 500 52.16 6.44 22.39
N ARG B 501 52.64 5.49 23.20
CA ARG B 501 52.42 5.52 24.64
C ARG B 501 53.07 6.74 25.32
N HIS B 502 54.30 7.04 24.91
CA HIS B 502 55.03 8.19 25.43
C HIS B 502 54.25 9.47 25.15
N ARG B 503 53.90 9.68 23.88
CA ARG B 503 53.12 10.85 23.46
C ARG B 503 51.80 10.89 24.23
N ALA B 504 51.17 9.73 24.41
CA ALA B 504 49.91 9.69 25.13
C ALA B 504 50.04 10.11 26.58
N ARG B 505 51.11 9.68 27.26
CA ARG B 505 51.27 10.07 28.66
C ARG B 505 51.40 11.58 28.75
N SER B 506 52.08 12.16 27.77
CA SER B 506 52.30 13.58 27.76
C SER B 506 50.98 14.37 27.57
N VAL B 507 50.20 13.96 26.57
CA VAL B 507 48.91 14.61 26.29
C VAL B 507 48.03 14.43 27.49
N ARG B 508 48.04 13.22 28.03
CA ARG B 508 47.24 12.91 29.20
C ARG B 508 47.53 13.86 30.37
N ALA B 509 48.80 14.08 30.70
CA ALA B 509 49.13 14.97 31.83
C ALA B 509 48.64 16.40 31.60
N LYS B 510 48.81 16.89 30.39
CA LYS B 510 48.32 18.23 30.06
C LYS B 510 46.79 18.30 30.21
N LEU B 511 46.08 17.27 29.75
CA LEU B 511 44.61 17.28 29.88
C LEU B 511 44.21 17.27 31.34
N LEU B 512 44.88 16.43 32.12
CA LEU B 512 44.58 16.35 33.52
C LEU B 512 44.76 17.70 34.21
N SER B 513 45.78 18.44 33.80
CA SER B 513 46.12 19.74 34.40
C SER B 513 45.11 20.83 34.09
N GLN B 514 44.30 20.61 33.06
CA GLN B 514 43.31 21.62 32.69
C GLN B 514 41.99 21.51 33.46
N GLY B 515 41.77 20.38 34.13
CA GLY B 515 40.54 20.15 34.86
C GLY B 515 39.33 20.03 33.91
N GLY B 516 38.14 20.01 34.49
CA GLY B 516 36.89 19.95 33.74
C GLY B 516 36.79 18.76 32.81
N ARG B 517 36.18 19.00 31.65
CA ARG B 517 36.02 17.96 30.66
C ARG B 517 37.36 17.48 30.16
N ALA B 518 38.33 18.39 30.06
CA ALA B 518 39.62 17.98 29.55
C ALA B 518 40.21 16.92 30.48
N ALA B 519 40.07 17.12 31.78
CA ALA B 519 40.61 16.13 32.73
C ALA B 519 39.88 14.77 32.60
N ILE B 520 38.59 14.80 32.32
CA ILE B 520 37.84 13.54 32.09
C ILE B 520 38.41 12.84 30.86
N CYS B 521 38.75 13.62 29.83
CA CYS B 521 39.40 13.06 28.65
C CYS B 521 40.72 12.39 29.01
N GLY B 522 41.52 13.09 29.81
CA GLY B 522 42.83 12.57 30.20
C GLY B 522 42.71 11.26 30.97
N ARG B 523 41.83 11.25 31.95
CA ARG B 523 41.63 10.08 32.81
C ARG B 523 41.08 8.88 32.08
N TYR B 524 40.01 9.08 31.31
CA TYR B 524 39.35 7.96 30.61
C TYR B 524 39.96 7.56 29.29
N LEU B 525 40.23 8.53 28.42
CA LEU B 525 40.74 8.15 27.11
C LEU B 525 42.15 7.58 27.10
N PHE B 526 42.97 7.98 28.07
CA PHE B 526 44.37 7.63 28.02
C PHE B 526 44.83 6.80 29.22
N ASN B 527 43.87 6.16 29.88
CA ASN B 527 44.21 5.28 30.99
C ASN B 527 45.07 4.08 30.52
N TRP B 528 44.96 3.72 29.24
CA TRP B 528 45.75 2.61 28.70
C TRP B 528 47.24 2.93 28.69
N ALA B 529 47.59 4.21 28.75
CA ALA B 529 48.99 4.62 28.59
C ALA B 529 49.87 4.71 29.85
N VAL B 530 49.26 4.76 31.02
CA VAL B 530 50.04 4.89 32.24
C VAL B 530 50.25 3.55 32.92
N ARG B 531 51.48 3.29 33.35
CA ARG B 531 51.78 2.11 34.15
C ARG B 531 51.16 2.53 35.47
N THR B 532 50.33 1.66 36.04
CA THR B 532 49.59 1.97 37.25
C THR B 532 48.29 2.67 36.82
N LYS B 533 47.38 1.89 36.26
CA LYS B 533 46.10 2.43 35.80
C LYS B 533 45.38 3.13 36.93
N LEU B 534 44.25 3.75 36.60
CA LEU B 534 43.44 4.46 37.58
C LEU B 534 42.14 3.70 37.83
N LYS B 535 41.28 4.30 38.63
CA LYS B 535 39.99 3.72 38.96
C LYS B 535 39.18 3.46 37.69
N LEU B 536 38.40 4.45 37.28
CA LEU B 536 37.55 4.37 36.09
C LEU B 536 36.15 3.87 36.40
N THR B 537 35.33 4.83 36.84
CA THR B 537 33.96 4.54 37.19
C THR B 537 33.07 5.23 36.18
N PRO B 538 31.76 4.92 36.20
CA PRO B 538 30.81 5.52 35.27
C PRO B 538 30.93 7.03 35.24
N ILE B 539 31.00 7.57 34.03
CA ILE B 539 31.13 9.01 33.84
C ILE B 539 29.79 9.73 34.07
N PRO B 540 29.82 10.80 34.86
CA PRO B 540 28.65 11.65 35.15
C PRO B 540 27.88 12.03 33.88
N ALA B 541 28.53 12.79 32.99
CA ALA B 541 27.87 13.27 31.77
C ALA B 541 27.33 12.19 30.84
N ALA B 542 27.70 10.93 31.08
CA ALA B 542 27.28 9.84 30.20
C ALA B 542 25.77 9.69 30.04
N SER B 543 25.06 9.48 31.15
CA SER B 543 23.61 9.29 31.12
C SER B 543 22.81 10.53 30.73
N GLN B 544 23.44 11.69 30.77
CA GLN B 544 22.78 12.95 30.42
C GLN B 544 22.64 13.10 28.90
N LEU B 545 23.65 12.64 28.18
CA LEU B 545 23.70 12.77 26.73
C LEU B 545 22.41 12.36 26.02
N ASP B 546 21.92 13.23 25.14
CA ASP B 546 20.73 12.94 24.35
C ASP B 546 21.20 12.28 23.06
N LEU B 547 21.32 10.96 23.11
CA LEU B 547 21.77 10.18 21.96
C LEU B 547 20.54 9.63 21.29
N SER B 548 19.40 10.01 21.86
CA SER B 548 18.11 9.60 21.37
C SER B 548 18.12 10.02 19.92
N GLY B 549 18.08 9.05 19.01
CA GLY B 549 18.07 9.43 17.62
C GLY B 549 19.37 9.23 16.88
N TRP B 550 20.45 8.78 17.54
CA TRP B 550 21.68 8.56 16.78
C TRP B 550 21.65 7.27 15.96
N PHE B 551 20.93 6.29 16.48
CA PHE B 551 20.91 4.97 15.88
C PHE B 551 19.49 4.53 15.65
N VAL B 552 18.83 5.28 14.79
CA VAL B 552 17.45 4.96 14.40
C VAL B 552 17.40 4.53 12.93
N ALA B 553 18.05 5.31 12.06
CA ALA B 553 18.04 4.99 10.64
C ALA B 553 19.29 5.51 9.95
N GLY B 554 19.54 5.03 8.75
CA GLY B 554 20.68 5.49 7.96
C GLY B 554 20.25 6.56 7.00
N TYR B 555 21.16 7.50 6.71
CA TYR B 555 20.82 8.62 5.82
C TYR B 555 21.96 8.93 4.85
N SER B 556 22.85 7.97 4.56
CA SER B 556 23.97 8.31 3.66
C SER B 556 23.47 8.85 2.32
N GLY B 557 23.99 10.03 1.94
CA GLY B 557 23.64 10.71 0.70
C GLY B 557 22.35 11.51 0.85
N GLY B 558 21.67 11.38 1.99
CA GLY B 558 20.35 11.99 2.18
C GLY B 558 20.32 13.43 2.73
N ASP B 559 21.51 14.05 2.87
CA ASP B 559 21.56 15.47 3.25
C ASP B 559 20.89 15.75 4.60
N ILE B 560 21.25 14.92 5.60
CA ILE B 560 20.61 15.06 6.92
C ILE B 560 21.63 15.54 7.96
N TYR B 561 21.19 16.51 8.78
CA TYR B 561 21.98 17.07 9.88
C TYR B 561 21.20 16.85 11.18
N HIS B 562 21.88 16.26 12.18
CA HIS B 562 21.25 15.91 13.47
C HIS B 562 21.97 16.51 14.70
N SER B 563 21.77 15.85 15.83
CA SER B 563 22.38 16.23 17.11
C SER B 563 21.88 17.60 17.57
C1 HI4 C . -27.53 -6.72 -2.12
C1 HI4 C . -27.44 -6.67 -2.14
N1 HI4 C . -28.13 -8.69 -3.53
N1 HI4 C . -28.14 -8.67 -3.50
O1 HI4 C . -28.98 -6.35 -6.12
O1 HI4 C . -28.98 -6.35 -6.12
C2 HI4 C . -27.67 -5.57 -2.93
C2 HI4 C . -26.56 -5.57 -2.26
N2 HI4 C . -30.44 -9.01 -8.83
N2 HI4 C . -30.43 -9.01 -8.82
O2 HI4 C . -28.42 -8.86 -7.74
O2 HI4 C . -28.41 -8.86 -7.73
C3 HI4 C . -28.10 -4.36 -2.36
C3 HI4 C . -26.93 -4.32 -1.73
N3 HI4 C . -28.25 -3.16 -3.19
N3 HI4 C . -26.01 -3.18 -1.86
O3 HI4 C . -26.89 -6.88 -5.48
O3 HI4 C . -26.89 -6.88 -5.48
C4 HI4 C . -28.40 -4.26 -1.00
C4 HI4 C . -28.17 -4.14 -1.08
O4 HI4 C . -28.91 -2.22 -2.71
O4 HI4 C . -26.01 -2.31 -0.98
C5 HI4 C . -28.26 -5.41 -0.20
C5 HI4 C . -29.05 -5.23 -0.96
O5 HI4 C . -27.68 -3.14 -4.29
O5 HI4 C . -25.33 -3.13 -2.91
C6 HI4 C . -27.85 -6.61 -0.76
C6 HI4 C . -28.68 -6.46 -1.49
C7 HI4 C . -30.37 -9.15 -6.36
C7 HI4 C . -30.37 -9.14 -6.35
C8 HI4 C . -30.53 -11.30 -3.93
C8 HI4 C . -30.53 -11.29 -3.93
C9 HI4 C . -30.40 -12.11 -2.79
C9 HI4 C . -30.39 -12.10 -2.79
C10 HI4 C . -29.72 -10.16 -4.11
C10 HI4 C . -29.72 -10.14 -4.10
C11 HI4 C . -28.78 -9.84 -3.12
C11 HI4 C . -28.78 -9.82 -3.10
C12 HI4 C . -28.63 -8.25 -4.74
C12 HI4 C . -28.63 -8.24 -4.74
C13 HI4 C . -29.61 -9.18 -5.13
C13 HI4 C . -29.61 -9.16 -5.12
C14 HI4 C . -29.45 -11.76 -1.82
C14 HI4 C . -29.45 -11.76 -1.82
C15 HI4 C . -28.63 -10.63 -1.96
C15 HI4 C . -28.64 -10.62 -1.96
C16 HI4 C . -28.23 -7.08 -5.50
C16 HI4 C . -28.23 -7.06 -5.49
C17 HI4 C . -27.08 -8.03 -2.72
C17 HI4 C . -27.07 -8.02 -2.70
C18 HI4 C . -29.65 -8.99 -7.69
C18 HI4 C . -29.64 -9.00 -7.68
C19 HI4 C . -31.81 -9.14 -8.80
C19 HI4 C . -31.81 -9.16 -8.79
C20 HI4 C . -32.45 -9.31 -7.63
C20 HI4 C . -32.44 -9.30 -7.63
C21 HI4 C . -31.71 -9.31 -6.39
C21 HI4 C . -31.70 -9.30 -6.38
C22 HI4 C . -31.27 -13.33 -2.61
C22 HI4 C . -31.27 -13.33 -2.61
C23 HI4 C . -30.53 -14.60 -2.98
C23 HI4 C . -30.52 -14.60 -2.99
P PO4 D . -52.16 -33.79 -13.42
O1 PO4 D . -52.00 -32.63 -12.33
O2 PO4 D . -52.72 -33.18 -14.74
O3 PO4 D . -53.20 -34.89 -12.81
O4 PO4 D . -50.79 -34.53 -13.78
P PO4 E . -12.71 13.85 -34.18
O1 PO4 E . -13.19 15.33 -34.29
O2 PO4 E . -11.71 13.61 -35.37
O3 PO4 E . -13.89 12.83 -34.35
O4 PO4 E . -12.00 13.63 -32.80
C1 HI4 F . 27.44 0.84 7.31
C1 HI4 F . 27.42 0.80 7.30
N1 HI4 F . 28.27 1.70 9.50
N1 HI4 F . 28.26 1.68 9.50
O1 HI4 F . 27.04 4.05 8.28
O1 HI4 F . 27.03 4.04 8.27
C2 HI4 F . 27.52 1.89 6.37
C2 HI4 F . 26.59 1.34 6.31
N2 HI4 F . 30.78 6.69 10.93
N2 HI4 F . 30.78 6.69 10.93
O2 HI4 F . 28.73 5.70 10.66
O2 HI4 F . 28.72 5.69 10.65
C3 HI4 F . 27.77 1.59 5.02
C3 HI4 F . 26.85 1.09 4.96
N3 HI4 F . 27.86 2.69 4.05
N3 HI4 F . 25.98 1.67 3.94
O3 HI4 F . 29.12 4.78 7.84
O3 HI4 F . 29.12 4.76 7.82
C4 HI4 F . 27.93 0.28 4.58
C4 HI4 F . 27.93 0.29 4.56
O4 HI4 F . 28.68 2.59 3.13
O4 HI4 F . 25.90 1.08 2.84
C5 HI4 F . 27.86 -0.76 5.51
C5 HI4 F . 28.77 -0.25 5.56
O5 HI4 F . 27.11 3.66 4.22
O5 HI4 F . 25.40 2.74 4.22
C6 HI4 F . 27.61 -0.49 6.85
C6 HI4 F . 28.50 0.01 6.90
C7 HI4 F . 30.64 4.27 10.50
C7 HI4 F . 30.63 4.26 10.50
C8 HI4 F . 30.83 1.44 12.00
C8 HI4 F . 30.83 1.44 12.00
C9 HI4 F . 30.69 0.15 12.51
C9 HI4 F . 30.69 0.15 12.51
C10 HI4 F . 29.95 1.88 10.97
C10 HI4 F . 29.96 1.87 10.97
C11 HI4 F . 28.97 1.01 10.49
C11 HI4 F . 28.97 1.00 10.48
C12 HI4 F . 28.79 2.99 9.36
C12 HI4 F . 28.78 2.97 9.35
C13 HI4 F . 29.83 3.10 10.27
C13 HI4 F . 29.82 3.09 10.27
C14 HI4 F . 29.69 -0.70 12.01
C14 HI4 F . 29.70 -0.71 12.01
C15 HI4 F . 28.81 -0.29 10.99
C15 HI4 F . 28.81 -0.30 10.99
C16 HI4 F . 28.37 4.02 8.43
C16 HI4 F . 28.36 4.00 8.43
C17 HI4 F . 27.13 1.13 8.76
C17 HI4 F . 27.13 1.08 8.76
C18 HI4 F . 29.96 5.60 10.70
C18 HI4 F . 29.95 5.60 10.70
C19 HI4 F . 32.16 6.61 10.98
C19 HI4 F . 32.15 6.60 10.98
C20 HI4 F . 32.76 5.42 10.82
C20 HI4 F . 32.75 5.42 10.81
C21 HI4 F . 31.99 4.24 10.57
C21 HI4 F . 31.98 4.23 10.57
C22 HI4 F . 31.62 -0.33 13.60
C22 HI4 F . 31.62 -0.32 13.60
C23 HI4 F . 30.94 -0.17 14.96
C23 HI4 F . 30.94 -0.17 14.96
P PO4 G . 20.46 36.70 -7.86
O1 PO4 G . 21.14 37.70 -8.96
O2 PO4 G . 19.51 37.44 -6.83
O3 PO4 G . 19.63 35.68 -8.73
O4 PO4 G . 21.54 36.08 -6.83
#